data_4FDZ
#
_entry.id   4FDZ
#
_cell.length_a   87.970
_cell.length_b   87.970
_cell.length_c   252.460
_cell.angle_alpha   90.000
_cell.angle_beta   90.000
_cell.angle_gamma   90.000
#
_symmetry.space_group_name_H-M   'P 43 21 2'
#
loop_
_entity.id
_entity.type
_entity.pdbx_description
1 polymer 'Ethanolamine utilization protein'
2 non-polymer 'SODIUM ION'
3 water water
#
_entity_poly.entity_id   1
_entity_poly.type   'polypeptide(L)'
_entity_poly.pdbx_seq_one_letter_code
;MKNDLIRPNVLSVKIISNVSPEMAKKLELEPHHKSLGLITADCDDVTYTALDEATKAAEVDVVYARSMYAGAGNASTKLA
GEVIGILAGPSPAEVRSGLNATLDFIDSGVGFVSANEDDSICYYAQCVSRTGSYLSKTAGIREGEALAYLVAPPLEAMYA
LDAALKAADVEMCEFFAPPTETNFAGALLTGSQSACKAACDAFAEAVQSVASNPLGFLEHHHHHH
;
_entity_poly.pdbx_strand_id   A,B,C
#
loop_
_chem_comp.id
_chem_comp.type
_chem_comp.name
_chem_comp.formula
NA non-polymer 'SODIUM ION' 'Na 1'
#
# COMPACT_ATOMS: atom_id res chain seq x y z
N MET A 1 4.79 5.48 -27.83
CA MET A 1 6.24 5.53 -28.16
C MET A 1 6.87 6.75 -27.47
N LYS A 2 8.20 6.79 -27.47
CA LYS A 2 8.95 7.83 -26.78
C LYS A 2 8.44 9.25 -27.13
N ASN A 3 8.28 10.07 -26.08
CA ASN A 3 7.80 11.44 -26.22
C ASN A 3 6.29 11.57 -26.44
N ASP A 4 5.58 10.45 -26.55
CA ASP A 4 4.11 10.50 -26.56
C ASP A 4 3.58 10.99 -25.22
N LEU A 5 2.54 11.80 -25.29
CA LEU A 5 1.81 12.18 -24.08
C LEU A 5 0.88 11.05 -23.69
N ILE A 6 0.88 10.69 -22.41
CA ILE A 6 -0.05 9.72 -21.89
CA ILE A 6 -0.05 9.72 -21.89
C ILE A 6 -1.27 10.49 -21.39
N ARG A 7 -2.40 10.31 -22.07
CA ARG A 7 -3.59 11.09 -21.75
C ARG A 7 -4.10 10.74 -20.35
N PRO A 8 -4.31 11.76 -19.50
CA PRO A 8 -4.94 11.53 -18.20
C PRO A 8 -6.46 11.51 -18.35
N ASN A 9 -7.14 10.67 -17.59
CA ASN A 9 -8.59 10.50 -17.71
C ASN A 9 -9.31 10.65 -16.39
N VAL A 10 -10.41 11.39 -16.41
CA VAL A 10 -11.27 11.54 -15.23
C VAL A 10 -12.32 10.45 -15.26
N LEU A 11 -12.55 9.81 -14.12
CA LEU A 11 -13.42 8.64 -14.04
C LEU A 11 -14.77 8.93 -13.39
N SER A 12 -14.79 9.81 -12.40
CA SER A 12 -16.03 10.18 -11.72
CA SER A 12 -16.02 10.16 -11.70
C SER A 12 -15.91 11.56 -11.08
N VAL A 13 -17.06 12.23 -11.00
CA VAL A 13 -17.20 13.55 -10.38
C VAL A 13 -18.55 13.60 -9.68
N LYS A 14 -18.57 14.05 -8.42
CA LYS A 14 -19.84 14.27 -7.71
C LYS A 14 -19.73 15.45 -6.78
N ILE A 15 -20.88 16.02 -6.44
CA ILE A 15 -20.97 17.11 -5.48
C ILE A 15 -21.69 16.67 -4.21
N ILE A 16 -21.25 17.20 -3.08
CA ILE A 16 -22.01 17.11 -1.84
C ILE A 16 -22.40 18.53 -1.40
N SER A 17 -23.70 18.75 -1.20
CA SER A 17 -24.21 20.03 -0.72
C SER A 17 -24.58 19.88 0.76
N ASN A 18 -24.32 20.91 1.55
CA ASN A 18 -24.61 20.84 2.99
C ASN A 18 -24.04 19.58 3.63
N VAL A 19 -22.72 19.48 3.57
CA VAL A 19 -22.04 18.30 4.09
C VAL A 19 -22.46 18.04 5.54
N SER A 20 -22.67 16.77 5.86
CA SER A 20 -23.08 16.37 7.19
C SER A 20 -21.98 16.73 8.19
N PRO A 21 -22.36 17.11 9.41
CA PRO A 21 -21.39 17.51 10.44
C PRO A 21 -20.41 16.39 10.73
N GLU A 22 -20.89 15.16 10.68
CA GLU A 22 -20.04 14.01 10.99
C GLU A 22 -18.90 13.88 9.98
N MET A 23 -19.22 14.04 8.69
CA MET A 23 -18.20 14.00 7.66
CA MET A 23 -18.20 14.00 7.65
C MET A 23 -17.30 15.23 7.71
N ALA A 24 -17.88 16.38 8.03
CA ALA A 24 -17.07 17.60 8.12
C ALA A 24 -15.98 17.41 9.17
N LYS A 25 -16.34 16.77 10.27
CA LYS A 25 -15.40 16.59 11.36
C LYS A 25 -14.29 15.62 10.97
N LYS A 26 -14.63 14.53 10.31
N LYS A 26 -14.64 14.54 10.30
CA LYS A 26 -13.64 13.53 9.93
CA LYS A 26 -13.65 13.52 9.93
C LYS A 26 -12.70 14.07 8.86
C LYS A 26 -12.73 14.01 8.82
N LEU A 27 -13.23 14.94 8.00
CA LEU A 27 -12.41 15.54 6.94
C LEU A 27 -11.72 16.80 7.43
N GLU A 28 -11.93 17.15 8.69
CA GLU A 28 -11.32 18.34 9.30
C GLU A 28 -11.61 19.62 8.51
N LEU A 29 -12.87 19.77 8.08
CA LEU A 29 -13.28 20.97 7.36
C LEU A 29 -13.34 22.21 8.26
N GLU A 30 -13.24 23.38 7.62
CA GLU A 30 -13.46 24.66 8.26
C GLU A 30 -14.95 24.99 8.22
N PRO A 31 -15.38 25.91 9.09
CA PRO A 31 -16.80 26.24 9.23
C PRO A 31 -17.45 26.72 7.95
N HIS A 32 -16.67 27.34 7.06
CA HIS A 32 -17.23 27.90 5.84
C HIS A 32 -17.30 26.87 4.72
N HIS A 33 -16.78 25.67 4.98
CA HIS A 33 -16.83 24.59 3.99
C HIS A 33 -18.17 23.87 4.06
N LYS A 34 -19.14 24.32 3.28
CA LYS A 34 -20.48 23.73 3.29
C LYS A 34 -20.68 22.70 2.17
N SER A 35 -19.89 22.83 1.10
CA SER A 35 -20.05 22.00 -0.09
CA SER A 35 -20.05 22.00 -0.09
C SER A 35 -18.73 21.34 -0.48
N LEU A 36 -18.82 20.13 -1.03
CA LEU A 36 -17.64 19.38 -1.46
C LEU A 36 -17.76 19.01 -2.92
N GLY A 37 -16.64 19.08 -3.63
CA GLY A 37 -16.54 18.56 -4.99
C GLY A 37 -15.59 17.38 -4.98
N LEU A 38 -16.06 16.22 -5.42
CA LEU A 38 -15.29 14.99 -5.42
C LEU A 38 -14.89 14.59 -6.83
N ILE A 39 -13.65 14.12 -7.01
CA ILE A 39 -13.18 13.69 -8.31
C ILE A 39 -12.20 12.50 -8.20
N THR A 40 -12.30 11.57 -9.14
CA THR A 40 -11.29 10.51 -9.28
C THR A 40 -10.80 10.48 -10.71
N ALA A 41 -9.58 9.99 -10.87
CA ALA A 41 -8.91 10.00 -12.17
C ALA A 41 -7.85 8.91 -12.19
N ASP A 42 -7.29 8.65 -13.37
CA ASP A 42 -6.31 7.58 -13.50
C ASP A 42 -4.87 8.09 -13.49
N CYS A 43 -4.67 9.35 -13.13
CA CYS A 43 -3.34 9.91 -13.03
C CYS A 43 -3.25 10.85 -11.84
N ASP A 44 -2.52 10.46 -10.78
CA ASP A 44 -2.58 11.24 -9.56
C ASP A 44 -1.90 12.62 -9.66
N ASP A 45 -0.67 12.67 -10.15
CA ASP A 45 0.06 13.95 -10.10
C ASP A 45 -0.52 15.00 -11.01
N VAL A 46 -1.09 14.59 -12.14
CA VAL A 46 -1.78 15.55 -13.00
C VAL A 46 -3.00 16.12 -12.26
N THR A 47 -3.69 15.23 -11.55
CA THR A 47 -4.86 15.65 -10.79
C THR A 47 -4.47 16.60 -9.65
N TYR A 48 -3.37 16.33 -8.96
CA TYR A 48 -2.91 17.20 -7.89
C TYR A 48 -2.57 18.58 -8.43
N THR A 49 -1.97 18.62 -9.61
CA THR A 49 -1.63 19.89 -10.24
C THR A 49 -2.91 20.63 -10.61
N ALA A 50 -3.90 19.87 -11.10
CA ALA A 50 -5.18 20.45 -11.51
C ALA A 50 -5.96 21.00 -10.31
N LEU A 51 -5.93 20.29 -9.19
CA LEU A 51 -6.61 20.73 -7.99
C LEU A 51 -6.01 22.03 -7.47
N ASP A 52 -4.68 22.13 -7.53
CA ASP A 52 -4.01 23.38 -7.17
C ASP A 52 -4.44 24.51 -8.10
N GLU A 53 -4.53 24.22 -9.40
CA GLU A 53 -4.98 25.23 -10.36
C GLU A 53 -6.40 25.69 -10.00
N ALA A 54 -7.22 24.76 -9.55
CA ALA A 54 -8.61 25.07 -9.21
C ALA A 54 -8.68 26.12 -8.09
N THR A 55 -7.72 26.11 -7.16
CA THR A 55 -7.73 27.08 -6.06
C THR A 55 -7.47 28.50 -6.55
N LYS A 56 -6.91 28.63 -7.76
CA LYS A 56 -6.72 29.95 -8.36
C LYS A 56 -7.94 30.35 -9.19
N ALA A 57 -8.78 29.38 -9.53
CA ALA A 57 -9.91 29.62 -10.42
C ALA A 57 -11.22 29.84 -9.65
N ALA A 58 -11.28 29.35 -8.42
CA ALA A 58 -12.51 29.40 -7.65
C ALA A 58 -12.23 29.51 -6.17
N GLU A 59 -13.28 29.81 -5.41
CA GLU A 59 -13.19 30.00 -3.98
C GLU A 59 -13.29 28.64 -3.31
N VAL A 60 -12.26 27.82 -3.53
CA VAL A 60 -12.23 26.47 -2.99
C VAL A 60 -10.87 26.17 -2.38
N ASP A 61 -10.86 25.25 -1.42
CA ASP A 61 -9.62 24.72 -0.85
C ASP A 61 -9.53 23.24 -1.16
N VAL A 62 -8.32 22.74 -1.37
CA VAL A 62 -8.13 21.30 -1.49
C VAL A 62 -8.09 20.72 -0.09
N VAL A 63 -9.11 19.97 0.31
CA VAL A 63 -9.18 19.45 1.67
C VAL A 63 -8.81 17.98 1.81
N TYR A 64 -8.70 17.27 0.69
CA TYR A 64 -8.36 15.86 0.72
C TYR A 64 -7.81 15.50 -0.64
N ALA A 65 -6.71 14.76 -0.66
CA ALA A 65 -6.10 14.35 -1.92
C ALA A 65 -5.13 13.21 -1.67
N ARG A 66 -5.50 12.00 -2.11
CA ARG A 66 -4.71 10.80 -1.83
C ARG A 66 -4.62 9.90 -3.05
N SER A 67 -3.50 9.19 -3.17
CA SER A 67 -3.28 8.25 -4.26
C SER A 67 -3.63 6.81 -3.86
N MET A 68 -3.89 5.95 -4.84
CA MET A 68 -4.24 4.55 -4.58
C MET A 68 -3.05 3.61 -4.69
N TYR A 69 -3.00 2.61 -3.83
CA TYR A 69 -1.89 1.66 -3.81
C TYR A 69 -1.76 0.90 -5.13
N ALA A 70 -0.55 0.94 -5.68
CA ALA A 70 -0.14 0.19 -6.89
C ALA A 70 -0.66 0.79 -8.21
N GLY A 71 -1.27 1.96 -8.14
CA GLY A 71 -1.59 2.72 -9.33
C GLY A 71 -2.81 2.25 -10.12
N ALA A 72 -3.17 3.06 -11.10
CA ALA A 72 -4.45 2.91 -11.79
C ALA A 72 -4.58 1.59 -12.53
N GLY A 73 -3.46 1.08 -13.05
CA GLY A 73 -3.47 -0.19 -13.75
C GLY A 73 -3.83 -1.38 -12.87
N ASN A 74 -3.67 -1.21 -11.56
CA ASN A 74 -4.01 -2.24 -10.59
C ASN A 74 -5.30 -1.96 -9.82
N ALA A 75 -6.08 -0.98 -10.28
CA ALA A 75 -7.36 -0.71 -9.63
C ALA A 75 -8.22 -1.96 -9.71
N SER A 76 -8.96 -2.26 -8.64
CA SER A 76 -9.85 -3.42 -8.66
C SER A 76 -11.28 -3.02 -9.00
N THR A 77 -11.57 -1.72 -9.00
CA THR A 77 -12.90 -1.23 -9.35
C THR A 77 -12.82 -0.11 -10.38
N LYS A 78 -13.94 0.19 -11.02
CA LYS A 78 -13.97 1.04 -12.20
C LYS A 78 -13.65 2.50 -11.94
N LEU A 79 -14.07 3.02 -10.80
CA LEU A 79 -13.98 4.46 -10.55
C LEU A 79 -12.89 4.84 -9.55
N ALA A 80 -12.17 3.86 -9.01
CA ALA A 80 -11.12 4.16 -8.05
C ALA A 80 -9.92 4.87 -8.69
N GLY A 81 -9.55 4.47 -9.90
CA GLY A 81 -8.43 5.09 -10.58
C GLY A 81 -7.20 4.98 -9.69
N GLU A 82 -6.43 6.07 -9.61
CA GLU A 82 -5.32 6.11 -8.67
C GLU A 82 -5.30 7.38 -7.82
N VAL A 83 -6.39 8.14 -7.81
CA VAL A 83 -6.45 9.36 -7.02
C VAL A 83 -7.87 9.73 -6.69
N ILE A 84 -8.07 10.20 -5.46
CA ILE A 84 -9.29 10.91 -5.10
C ILE A 84 -8.93 12.31 -4.60
N GLY A 85 -9.64 13.29 -5.15
CA GLY A 85 -9.48 14.67 -4.71
C GLY A 85 -10.79 15.23 -4.22
N ILE A 86 -10.72 16.07 -3.19
CA ILE A 86 -11.92 16.73 -2.68
C ILE A 86 -11.65 18.22 -2.50
N LEU A 87 -12.46 19.01 -3.20
CA LEU A 87 -12.49 20.45 -3.06
C LEU A 87 -13.61 20.83 -2.08
N ALA A 88 -13.38 21.84 -1.27
CA ALA A 88 -14.43 22.35 -0.39
C ALA A 88 -14.61 23.83 -0.59
N GLY A 89 -15.86 24.29 -0.52
CA GLY A 89 -16.17 25.70 -0.68
C GLY A 89 -17.50 26.05 -0.03
N PRO A 90 -17.89 27.32 -0.11
CA PRO A 90 -19.09 27.81 0.57
C PRO A 90 -20.42 27.39 -0.05
N SER A 91 -20.42 27.00 -1.32
CA SER A 91 -21.67 26.74 -2.04
C SER A 91 -21.44 25.76 -3.17
N PRO A 92 -22.51 25.10 -3.61
CA PRO A 92 -22.36 24.27 -4.81
C PRO A 92 -21.78 25.04 -5.98
N ALA A 93 -22.14 26.32 -6.12
CA ALA A 93 -21.65 27.09 -7.26
C ALA A 93 -20.13 27.13 -7.27
N GLU A 94 -19.51 27.36 -6.12
CA GLU A 94 -18.06 27.47 -6.08
C GLU A 94 -17.38 26.12 -6.28
N VAL A 95 -17.90 25.04 -5.70
CA VAL A 95 -17.29 23.76 -5.92
C VAL A 95 -17.48 23.28 -7.37
N ARG A 96 -18.61 23.59 -8.00
CA ARG A 96 -18.76 23.26 -9.41
C ARG A 96 -17.74 24.05 -10.24
N SER A 97 -17.54 25.34 -9.92
CA SER A 97 -16.52 26.13 -10.60
C SER A 97 -15.14 25.50 -10.43
N GLY A 98 -14.81 25.13 -9.19
CA GLY A 98 -13.54 24.49 -8.90
C GLY A 98 -13.35 23.18 -9.68
N LEU A 99 -14.40 22.37 -9.74
CA LEU A 99 -14.34 21.12 -10.50
C LEU A 99 -14.19 21.39 -11.98
N ASN A 100 -14.90 22.39 -12.50
CA ASN A 100 -14.77 22.75 -13.90
C ASN A 100 -13.33 23.14 -14.25
N ALA A 101 -12.70 23.92 -13.38
CA ALA A 101 -11.31 24.33 -13.58
C ALA A 101 -10.34 23.13 -13.51
N THR A 102 -10.64 22.20 -12.59
CA THR A 102 -9.83 20.99 -12.43
C THR A 102 -9.91 20.18 -13.72
N LEU A 103 -11.13 20.01 -14.21
CA LEU A 103 -11.34 19.28 -15.46
C LEU A 103 -10.62 19.93 -16.65
N ASP A 104 -10.75 21.25 -16.78
CA ASP A 104 -10.09 21.97 -17.86
C ASP A 104 -8.59 21.73 -17.85
N PHE A 105 -7.99 21.79 -16.66
CA PHE A 105 -6.54 21.62 -16.55
C PHE A 105 -6.12 20.19 -16.90
N ILE A 106 -6.85 19.21 -16.40
CA ILE A 106 -6.57 17.82 -16.72
C ILE A 106 -6.60 17.58 -18.23
N ASP A 107 -7.51 18.27 -18.93
CA ASP A 107 -7.63 18.13 -20.37
C ASP A 107 -6.76 19.12 -21.17
N SER A 108 -5.85 19.83 -20.50
CA SER A 108 -5.16 20.95 -21.15
C SER A 108 -3.96 20.56 -21.99
N GLY A 109 -3.52 19.31 -21.89
CA GLY A 109 -2.35 18.85 -22.61
C GLY A 109 -1.19 18.49 -21.68
N VAL A 110 -1.36 18.72 -20.38
CA VAL A 110 -0.38 18.29 -19.40
C VAL A 110 -0.48 16.78 -19.25
N GLY A 111 0.58 16.15 -18.74
CA GLY A 111 0.53 14.72 -18.51
C GLY A 111 1.89 14.07 -18.45
N PHE A 112 1.91 12.80 -18.09
CA PHE A 112 3.14 12.03 -18.13
C PHE A 112 3.54 11.82 -19.58
N VAL A 113 4.85 11.71 -19.79
CA VAL A 113 5.42 11.54 -21.11
C VAL A 113 6.17 10.22 -21.16
N SER A 114 6.01 9.48 -22.27
CA SER A 114 6.69 8.21 -22.42
C SER A 114 8.17 8.40 -22.69
N ALA A 115 9.00 7.55 -22.10
CA ALA A 115 10.44 7.58 -22.35
C ALA A 115 10.92 6.40 -23.21
N ASN A 116 10.00 5.58 -23.69
CA ASN A 116 10.42 4.44 -24.51
C ASN A 116 9.34 3.89 -25.44
N GLU A 117 9.70 2.89 -26.22
CA GLU A 117 8.85 2.46 -27.34
C GLU A 117 7.49 1.91 -26.90
N ASP A 118 7.43 1.25 -25.75
CA ASP A 118 6.16 0.68 -25.29
C ASP A 118 5.53 1.43 -24.13
N ASP A 119 6.05 2.64 -23.87
CA ASP A 119 5.50 3.49 -22.83
C ASP A 119 5.55 2.80 -21.47
N SER A 120 6.54 1.93 -21.28
CA SER A 120 6.68 1.20 -20.02
C SER A 120 7.50 1.99 -19.00
N ILE A 121 8.09 3.09 -19.45
CA ILE A 121 8.73 4.05 -18.56
C ILE A 121 8.19 5.42 -18.94
N CYS A 122 7.69 6.16 -17.96
CA CYS A 122 7.10 7.47 -18.18
CA CYS A 122 7.13 7.48 -18.20
C CYS A 122 7.47 8.41 -17.04
N TYR A 123 7.34 9.70 -17.27
CA TYR A 123 7.70 10.70 -16.27
C TYR A 123 6.85 11.96 -16.41
N TYR A 124 6.82 12.74 -15.34
CA TYR A 124 6.12 14.02 -15.30
C TYR A 124 7.17 15.07 -14.99
N ALA A 125 7.18 16.13 -15.79
CA ALA A 125 8.11 17.23 -15.60
C ALA A 125 7.38 18.53 -15.93
N GLN A 126 6.61 19.01 -14.96
CA GLN A 126 5.69 20.11 -15.16
C GLN A 126 6.15 21.34 -14.39
N CYS A 127 6.35 22.44 -15.09
CA CYS A 127 6.61 23.72 -14.45
C CYS A 127 5.30 24.38 -14.06
N VAL A 128 5.11 24.61 -12.76
CA VAL A 128 3.96 25.35 -12.29
C VAL A 128 4.43 26.79 -12.11
N SER A 129 3.99 27.70 -12.99
CA SER A 129 4.52 29.06 -12.96
C SER A 129 4.08 29.85 -11.73
N ARG A 130 2.88 29.56 -11.22
CA ARG A 130 2.37 30.25 -10.05
C ARG A 130 1.51 29.29 -9.22
N THR A 131 2.02 28.85 -8.08
CA THR A 131 1.27 27.93 -7.24
C THR A 131 0.01 28.54 -6.67
N GLY A 132 -1.01 27.70 -6.54
CA GLY A 132 -2.19 28.05 -5.78
C GLY A 132 -1.96 27.69 -4.32
N SER A 133 -3.05 27.43 -3.59
CA SER A 133 -2.96 27.25 -2.15
C SER A 133 -2.68 25.79 -1.74
N TYR A 134 -2.66 24.87 -2.68
CA TYR A 134 -2.50 23.46 -2.33
C TYR A 134 -1.05 23.00 -2.43
N LEU A 135 -0.43 23.17 -3.60
CA LEU A 135 0.95 22.75 -3.79
C LEU A 135 1.93 23.66 -3.05
N SER A 136 1.53 24.88 -2.74
CA SER A 136 2.38 25.75 -1.93
C SER A 136 2.46 25.17 -0.51
N LYS A 137 1.35 24.65 -0.01
CA LYS A 137 1.34 24.09 1.34
C LYS A 137 2.14 22.82 1.39
N THR A 138 1.91 21.92 0.44
CA THR A 138 2.57 20.62 0.48
C THR A 138 4.09 20.82 0.36
N ALA A 139 4.49 21.86 -0.38
CA ALA A 139 5.92 22.13 -0.58
C ALA A 139 6.52 22.90 0.59
N GLY A 140 5.69 23.54 1.40
CA GLY A 140 6.17 24.34 2.51
C GLY A 140 6.80 25.65 2.03
N ILE A 141 6.27 26.18 0.93
CA ILE A 141 6.73 27.45 0.39
C ILE A 141 5.60 28.46 0.30
N ARG A 142 5.96 29.70 0.00
CA ARG A 142 5.02 30.79 -0.07
C ARG A 142 4.10 30.64 -1.27
N GLU A 143 2.82 30.90 -1.04
CA GLU A 143 1.82 30.84 -2.09
C GLU A 143 2.22 31.78 -3.23
N GLY A 144 2.10 31.30 -4.47
CA GLY A 144 2.39 32.12 -5.63
C GLY A 144 3.77 31.88 -6.22
N GLU A 145 4.65 31.24 -5.46
CA GLU A 145 5.99 30.89 -5.97
C GLU A 145 5.88 29.80 -7.04
N ALA A 146 6.91 29.66 -7.86
CA ALA A 146 6.94 28.66 -8.92
C ALA A 146 7.48 27.32 -8.42
N LEU A 147 7.12 26.24 -9.12
CA LEU A 147 7.60 24.91 -8.81
C LEU A 147 7.95 24.16 -10.08
N ALA A 148 8.93 23.26 -9.95
CA ALA A 148 9.06 22.13 -10.87
C ALA A 148 8.47 20.89 -10.19
N TYR A 149 7.51 20.26 -10.85
CA TYR A 149 6.83 19.07 -10.33
C TYR A 149 7.36 17.87 -11.11
N LEU A 150 8.21 17.09 -10.45
CA LEU A 150 9.00 16.06 -11.12
C LEU A 150 8.69 14.68 -10.56
N VAL A 151 8.27 13.77 -11.43
CA VAL A 151 7.88 12.41 -11.01
C VAL A 151 8.38 11.39 -12.02
N ALA A 152 8.91 10.27 -11.52
CA ALA A 152 9.32 9.16 -12.36
C ALA A 152 9.40 7.89 -11.50
N PRO A 153 9.65 6.75 -12.13
CA PRO A 153 9.77 5.53 -11.30
C PRO A 153 11.01 5.66 -10.43
N PRO A 154 11.13 4.83 -9.40
CA PRO A 154 12.09 5.08 -8.30
C PRO A 154 13.53 5.39 -8.71
N LEU A 155 14.20 4.50 -9.44
CA LEU A 155 15.60 4.75 -9.74
C LEU A 155 15.75 5.93 -10.70
N GLU A 156 14.93 5.94 -11.75
CA GLU A 156 14.97 7.04 -12.71
C GLU A 156 14.80 8.36 -11.98
N ALA A 157 13.86 8.40 -11.03
CA ALA A 157 13.60 9.65 -10.32
C ALA A 157 14.81 10.10 -9.52
N MET A 158 15.46 9.18 -8.80
CA MET A 158 16.61 9.58 -7.99
C MET A 158 17.72 10.10 -8.89
N TYR A 159 17.99 9.38 -9.97
CA TYR A 159 19.02 9.76 -10.92
C TYR A 159 18.72 11.12 -11.56
N ALA A 160 17.46 11.31 -11.95
CA ALA A 160 17.08 12.51 -12.68
C ALA A 160 16.90 13.71 -11.75
N LEU A 161 16.57 13.48 -10.48
CA LEU A 161 16.51 14.58 -9.52
C LEU A 161 17.91 15.15 -9.33
N ASP A 162 18.91 14.28 -9.27
CA ASP A 162 20.30 14.72 -9.19
C ASP A 162 20.64 15.65 -10.36
N ALA A 163 20.30 15.21 -11.56
CA ALA A 163 20.55 16.00 -12.76
C ALA A 163 19.79 17.35 -12.71
N ALA A 164 18.56 17.32 -12.23
CA ALA A 164 17.74 18.52 -12.15
C ALA A 164 18.33 19.53 -11.17
N LEU A 165 18.77 19.05 -10.01
CA LEU A 165 19.30 19.92 -8.97
C LEU A 165 20.61 20.57 -9.43
N LYS A 166 21.35 19.88 -10.26
CA LYS A 166 22.62 20.40 -10.76
C LYS A 166 22.44 21.34 -11.95
N ALA A 167 21.28 21.28 -12.57
CA ALA A 167 21.04 22.03 -13.80
C ALA A 167 20.63 23.49 -13.58
N ALA A 168 20.14 23.81 -12.40
CA ALA A 168 19.65 25.17 -12.15
C ALA A 168 19.62 25.45 -10.66
N ASP A 169 19.42 26.71 -10.32
CA ASP A 169 19.41 27.13 -8.92
C ASP A 169 18.04 26.87 -8.32
N VAL A 170 17.81 25.63 -7.88
CA VAL A 170 16.55 25.24 -7.28
C VAL A 170 16.77 24.53 -5.95
N GLU A 171 15.76 24.58 -5.09
CA GLU A 171 15.78 23.86 -3.82
C GLU A 171 14.74 22.78 -3.86
N MET A 172 15.03 21.65 -3.22
CA MET A 172 14.08 20.55 -3.11
C MET A 172 13.21 20.74 -1.88
N CYS A 173 11.96 21.15 -2.10
CA CYS A 173 11.09 21.50 -0.99
CA CYS A 173 11.05 21.50 -1.01
C CYS A 173 10.26 20.32 -0.48
N GLU A 174 9.88 19.41 -1.37
CA GLU A 174 9.12 18.23 -0.96
C GLU A 174 9.67 17.04 -1.73
N PHE A 175 10.16 16.05 -1.00
CA PHE A 175 10.70 14.83 -1.61
C PHE A 175 9.65 13.74 -1.56
N PHE A 176 9.32 13.17 -2.72
CA PHE A 176 8.40 12.04 -2.80
C PHE A 176 9.25 10.78 -2.70
N ALA A 177 9.47 10.30 -1.49
CA ALA A 177 10.39 9.19 -1.28
C ALA A 177 9.79 7.89 -1.82
N PRO A 178 10.57 7.12 -2.60
CA PRO A 178 10.02 5.90 -3.18
C PRO A 178 9.83 4.80 -2.12
N PRO A 179 8.67 4.13 -2.14
CA PRO A 179 7.54 4.31 -3.05
C PRO A 179 6.51 5.34 -2.58
N THR A 180 5.97 6.12 -3.51
CA THR A 180 4.65 6.70 -3.32
C THR A 180 3.63 5.57 -3.40
N GLU A 181 2.37 5.85 -3.13
CA GLU A 181 1.38 4.78 -3.19
C GLU A 181 1.38 4.11 -4.56
N THR A 182 1.64 4.89 -5.61
CA THR A 182 1.69 4.36 -6.97
C THR A 182 3.04 3.76 -7.39
N ASN A 183 3.99 3.66 -6.45
CA ASN A 183 5.33 3.14 -6.72
C ASN A 183 6.14 4.03 -7.66
N PHE A 184 5.91 5.33 -7.56
CA PHE A 184 6.76 6.30 -8.24
C PHE A 184 7.58 7.06 -7.20
N ALA A 185 8.27 8.11 -7.64
CA ALA A 185 9.07 8.94 -6.76
C ALA A 185 9.30 10.28 -7.44
N GLY A 186 9.92 11.22 -6.73
CA GLY A 186 10.23 12.50 -7.33
C GLY A 186 10.28 13.61 -6.31
N ALA A 187 10.00 14.84 -6.74
CA ALA A 187 10.02 15.97 -5.82
C ALA A 187 9.31 17.19 -6.36
N LEU A 188 9.01 18.12 -5.47
CA LEU A 188 8.72 19.50 -5.85
C LEU A 188 9.98 20.29 -5.62
N LEU A 189 10.42 21.01 -6.65
CA LEU A 189 11.58 21.89 -6.54
C LEU A 189 11.10 23.32 -6.74
N THR A 190 11.77 24.28 -6.13
CA THR A 190 11.35 25.66 -6.29
C THR A 190 12.52 26.57 -6.65
N GLY A 191 12.20 27.68 -7.28
CA GLY A 191 13.17 28.69 -7.68
C GLY A 191 12.45 29.66 -8.60
N SER A 192 13.19 30.42 -9.39
CA SER A 192 12.55 31.28 -10.40
C SER A 192 11.84 30.38 -11.40
N GLN A 193 10.94 30.97 -12.20
CA GLN A 193 10.23 30.19 -13.20
C GLN A 193 11.22 29.61 -14.21
N SER A 194 12.24 30.39 -14.55
CA SER A 194 13.24 29.95 -15.52
CA SER A 194 13.25 29.96 -15.51
C SER A 194 14.09 28.79 -14.97
N ALA A 195 14.42 28.86 -13.69
CA ALA A 195 15.20 27.79 -13.06
C ALA A 195 14.36 26.52 -12.99
N CYS A 196 13.08 26.67 -12.66
CA CYS A 196 12.20 25.51 -12.57
C CYS A 196 12.07 24.85 -13.95
N LYS A 197 11.95 25.66 -14.99
CA LYS A 197 11.87 25.12 -16.34
C LYS A 197 13.16 24.38 -16.71
N ALA A 198 14.32 24.95 -16.37
CA ALA A 198 15.58 24.28 -16.64
C ALA A 198 15.65 22.94 -15.91
N ALA A 199 15.10 22.91 -14.70
CA ALA A 199 15.10 21.68 -13.91
C ALA A 199 14.22 20.63 -14.57
N CYS A 200 13.06 21.07 -15.08
CA CYS A 200 12.16 20.14 -15.76
C CYS A 200 12.86 19.53 -16.97
N ASP A 201 13.54 20.36 -17.75
CA ASP A 201 14.18 19.87 -18.97
C ASP A 201 15.28 18.88 -18.63
N ALA A 202 16.03 19.15 -17.57
CA ALA A 202 17.14 18.27 -17.19
C ALA A 202 16.62 16.94 -16.63
N PHE A 203 15.52 17.01 -15.89
CA PHE A 203 14.88 15.82 -15.33
C PHE A 203 14.43 14.89 -16.47
N ALA A 204 13.75 15.48 -17.45
CA ALA A 204 13.23 14.71 -18.58
C ALA A 204 14.37 14.02 -19.34
N GLU A 205 15.45 14.75 -19.62
CA GLU A 205 16.58 14.18 -20.34
C GLU A 205 17.20 13.02 -19.57
N ALA A 206 17.28 13.16 -18.26
CA ALA A 206 17.93 12.15 -17.41
C ALA A 206 17.10 10.87 -17.33
N VAL A 207 15.77 11.01 -17.24
CA VAL A 207 14.90 9.83 -17.23
C VAL A 207 15.05 9.10 -18.56
N GLN A 208 15.06 9.84 -19.65
CA GLN A 208 15.23 9.22 -20.97
C GLN A 208 16.58 8.49 -21.04
N SER A 209 17.61 9.08 -20.45
CA SER A 209 18.93 8.46 -20.46
C SER A 209 18.93 7.08 -19.76
N VAL A 210 18.27 7.01 -18.62
CA VAL A 210 18.21 5.75 -17.88
C VAL A 210 17.39 4.72 -18.68
N ALA A 211 16.30 5.16 -19.27
CA ALA A 211 15.46 4.26 -20.05
C ALA A 211 16.25 3.64 -21.21
N SER A 212 17.13 4.41 -21.82
CA SER A 212 17.90 3.92 -22.97
CA SER A 212 17.92 3.94 -22.96
C SER A 212 19.06 3.04 -22.54
N ASN A 213 19.44 3.10 -21.27
CA ASN A 213 20.59 2.35 -20.79
C ASN A 213 20.43 2.01 -19.31
N PRO A 214 19.49 1.12 -19.00
CA PRO A 214 19.11 0.84 -17.61
C PRO A 214 20.20 0.22 -16.75
N LEU A 215 21.09 -0.56 -17.36
CA LEU A 215 22.06 -1.33 -16.58
C LEU A 215 23.50 -0.81 -16.72
N GLY A 216 23.68 0.30 -17.42
CA GLY A 216 25.01 0.84 -17.65
C GLY A 216 25.50 1.73 -16.52
N PHE A 217 26.52 1.25 -15.80
CA PHE A 217 27.13 2.02 -14.73
C PHE A 217 28.66 1.87 -14.72
N MET B 1 8.05 -25.88 -9.91
CA MET B 1 7.60 -26.98 -9.02
C MET B 1 8.27 -26.86 -7.66
N LYS B 2 7.82 -27.67 -6.72
CA LYS B 2 8.26 -27.57 -5.34
C LYS B 2 9.78 -27.71 -5.27
N ASN B 3 10.38 -26.80 -4.49
CA ASN B 3 11.82 -26.76 -4.23
C ASN B 3 12.64 -26.09 -5.33
N ASP B 4 11.99 -25.64 -6.40
CA ASP B 4 12.66 -24.85 -7.42
C ASP B 4 13.04 -23.49 -6.85
N LEU B 5 14.23 -23.04 -7.19
CA LEU B 5 14.64 -21.68 -6.92
C LEU B 5 13.96 -20.74 -7.90
N ILE B 6 13.42 -19.66 -7.36
CA ILE B 6 12.86 -18.59 -8.16
CA ILE B 6 12.86 -18.59 -8.15
C ILE B 6 13.97 -17.58 -8.40
N ARG B 7 14.44 -17.48 -9.63
CA ARG B 7 15.60 -16.63 -9.93
C ARG B 7 15.29 -15.15 -9.78
N PRO B 8 16.09 -14.44 -8.99
CA PRO B 8 15.92 -12.99 -8.85
C PRO B 8 16.65 -12.25 -9.96
N ASN B 9 16.12 -11.10 -10.36
CA ASN B 9 16.67 -10.34 -11.48
C ASN B 9 16.87 -8.88 -11.13
N VAL B 10 18.04 -8.35 -11.47
CA VAL B 10 18.31 -6.94 -11.35
C VAL B 10 17.78 -6.23 -12.58
N LEU B 11 17.13 -5.09 -12.39
CA LEU B 11 16.50 -4.37 -13.49
C LEU B 11 17.26 -3.11 -13.94
N SER B 12 17.85 -2.40 -12.98
CA SER B 12 18.56 -1.15 -13.28
CA SER B 12 18.58 -1.18 -13.28
C SER B 12 19.63 -0.89 -12.23
N VAL B 13 20.75 -0.31 -12.67
CA VAL B 13 21.84 0.06 -11.79
C VAL B 13 22.46 1.36 -12.32
N LYS B 14 22.66 2.35 -11.44
CA LYS B 14 23.25 3.63 -11.83
C LYS B 14 24.09 4.22 -10.70
N ILE B 15 25.06 5.05 -11.06
CA ILE B 15 25.89 5.72 -10.06
C ILE B 15 25.69 7.23 -10.15
N ILE B 16 25.54 7.87 -9.00
CA ILE B 16 25.63 9.32 -8.92
C ILE B 16 27.00 9.64 -8.35
N SER B 17 27.83 10.37 -9.10
CA SER B 17 29.23 10.51 -8.72
C SER B 17 29.50 11.52 -7.61
N ASN B 18 28.77 12.64 -7.62
CA ASN B 18 28.94 13.69 -6.62
C ASN B 18 27.58 14.23 -6.18
N VAL B 19 26.97 13.59 -5.19
CA VAL B 19 25.59 13.90 -4.84
C VAL B 19 25.41 15.39 -4.53
N SER B 20 24.30 15.95 -4.99
CA SER B 20 23.98 17.34 -4.71
C SER B 20 23.66 17.50 -3.23
N PRO B 21 23.97 18.67 -2.67
CA PRO B 21 23.63 18.90 -1.26
C PRO B 21 22.11 18.84 -0.97
N GLU B 22 21.28 19.27 -1.92
CA GLU B 22 19.85 19.21 -1.71
C GLU B 22 19.37 17.77 -1.56
N MET B 23 19.90 16.87 -2.39
CA MET B 23 19.55 15.45 -2.29
C MET B 23 20.14 14.82 -1.03
N ALA B 24 21.37 15.18 -0.69
CA ALA B 24 21.99 14.67 0.53
C ALA B 24 21.11 14.99 1.74
N LYS B 25 20.54 16.18 1.76
CA LYS B 25 19.72 16.62 2.89
C LYS B 25 18.48 15.72 3.05
N LYS B 26 17.75 15.53 1.95
CA LYS B 26 16.50 14.77 2.02
C LYS B 26 16.73 13.28 2.26
N LEU B 27 17.90 12.77 1.88
CA LEU B 27 18.26 11.38 2.14
C LEU B 27 18.96 11.22 3.49
N GLU B 28 19.10 12.34 4.20
CA GLU B 28 19.76 12.37 5.49
C GLU B 28 21.14 11.69 5.45
N LEU B 29 21.93 12.06 4.43
CA LEU B 29 23.28 11.54 4.30
C LEU B 29 24.24 12.26 5.23
N GLU B 30 25.34 11.61 5.56
CA GLU B 30 26.42 12.25 6.29
C GLU B 30 27.41 12.88 5.33
N PRO B 31 28.28 13.76 5.84
CA PRO B 31 29.12 14.56 4.93
C PRO B 31 30.06 13.73 4.06
N HIS B 32 30.46 12.55 4.53
CA HIS B 32 31.43 11.74 3.81
C HIS B 32 30.78 10.88 2.74
N HIS B 33 29.45 10.90 2.67
CA HIS B 33 28.73 10.18 1.61
C HIS B 33 28.72 11.01 0.34
N LYS B 34 29.71 10.82 -0.53
CA LYS B 34 29.87 11.64 -1.73
C LYS B 34 29.21 11.05 -2.99
N SER B 35 29.21 9.74 -3.08
CA SER B 35 28.74 9.04 -4.27
CA SER B 35 28.72 9.04 -4.27
C SER B 35 27.64 8.05 -3.90
N LEU B 36 26.64 7.91 -4.78
CA LEU B 36 25.56 6.96 -4.54
C LEU B 36 25.50 5.88 -5.62
N GLY B 37 25.17 4.66 -5.21
CA GLY B 37 24.90 3.57 -6.13
C GLY B 37 23.43 3.20 -6.03
N LEU B 38 22.73 3.27 -7.15
CA LEU B 38 21.28 3.01 -7.20
C LEU B 38 21.02 1.65 -7.82
N ILE B 39 20.11 0.87 -7.24
CA ILE B 39 19.76 -0.42 -7.80
C ILE B 39 18.28 -0.77 -7.59
N THR B 40 17.67 -1.32 -8.63
CA THR B 40 16.35 -1.94 -8.51
C THR B 40 16.39 -3.39 -9.00
N ALA B 41 15.47 -4.19 -8.48
CA ALA B 41 15.38 -5.59 -8.81
C ALA B 41 13.97 -6.09 -8.58
N ASP B 42 13.69 -7.33 -9.01
CA ASP B 42 12.35 -7.88 -8.88
C ASP B 42 12.17 -8.75 -7.63
N CYS B 43 13.12 -8.69 -6.71
CA CYS B 43 13.01 -9.44 -5.46
C CYS B 43 13.60 -8.64 -4.31
N ASP B 44 12.77 -8.17 -3.39
CA ASP B 44 13.28 -7.23 -2.39
C ASP B 44 14.21 -7.90 -1.37
N ASP B 45 13.82 -9.02 -0.79
CA ASP B 45 14.62 -9.57 0.30
C ASP B 45 15.96 -10.11 -0.14
N VAL B 46 16.05 -10.64 -1.35
CA VAL B 46 17.35 -11.02 -1.89
C VAL B 46 18.24 -9.77 -2.03
N THR B 47 17.66 -8.69 -2.52
CA THR B 47 18.40 -7.46 -2.72
C THR B 47 18.86 -6.87 -1.39
N TYR B 48 18.02 -6.93 -0.36
CA TYR B 48 18.42 -6.42 0.95
C TYR B 48 19.61 -7.22 1.48
N THR B 49 19.58 -8.54 1.27
CA THR B 49 20.66 -9.40 1.73
C THR B 49 21.95 -9.08 0.97
N ALA B 50 21.81 -8.83 -0.34
CA ALA B 50 22.94 -8.47 -1.20
C ALA B 50 23.56 -7.12 -0.83
N LEU B 51 22.71 -6.14 -0.52
CA LEU B 51 23.18 -4.82 -0.11
C LEU B 51 24.01 -4.93 1.17
N ASP B 52 23.54 -5.76 2.11
CA ASP B 52 24.29 -6.02 3.33
C ASP B 52 25.63 -6.69 3.02
N GLU B 53 25.61 -7.66 2.09
CA GLU B 53 26.86 -8.28 1.67
C GLU B 53 27.84 -7.23 1.13
N ALA B 54 27.33 -6.29 0.34
CA ALA B 54 28.18 -5.24 -0.23
C ALA B 54 28.94 -4.43 0.83
N THR B 55 28.32 -4.20 1.98
CA THR B 55 28.97 -3.42 3.03
C THR B 55 30.16 -4.17 3.61
N LYS B 56 30.18 -5.49 3.44
CA LYS B 56 31.32 -6.29 3.89
C LYS B 56 32.49 -6.20 2.90
N ALA B 57 32.17 -5.96 1.64
CA ALA B 57 33.15 -6.03 0.56
C ALA B 57 33.80 -4.70 0.21
N ALA B 58 33.13 -3.61 0.57
CA ALA B 58 33.57 -2.29 0.16
C ALA B 58 33.17 -1.27 1.22
N GLU B 59 33.71 -0.06 1.12
CA GLU B 59 33.37 0.99 2.06
C GLU B 59 32.11 1.70 1.56
N VAL B 60 30.97 1.05 1.77
CA VAL B 60 29.68 1.60 1.42
C VAL B 60 28.75 1.37 2.60
N ASP B 61 27.79 2.27 2.76
CA ASP B 61 26.71 2.13 3.73
C ASP B 61 25.42 1.98 2.95
N VAL B 62 24.49 1.18 3.45
CA VAL B 62 23.15 1.15 2.88
C VAL B 62 22.35 2.32 3.46
N VAL B 63 22.07 3.33 2.63
CA VAL B 63 21.41 4.53 3.13
C VAL B 63 19.93 4.63 2.75
N TYR B 64 19.47 3.76 1.85
CA TYR B 64 18.06 3.73 1.47
C TYR B 64 17.72 2.35 0.97
N ALA B 65 16.57 1.84 1.40
CA ALA B 65 16.17 0.49 1.03
C ALA B 65 14.68 0.31 1.28
N ARG B 66 13.88 0.33 0.21
CA ARG B 66 12.42 0.24 0.34
C ARG B 66 11.81 -0.67 -0.73
N SER B 67 10.70 -1.30 -0.35
CA SER B 67 9.95 -2.20 -1.22
C SER B 67 8.73 -1.52 -1.85
N MET B 68 8.28 -2.06 -2.99
CA MET B 68 7.15 -1.51 -3.75
C MET B 68 5.84 -2.21 -3.44
N TYR B 69 4.77 -1.43 -3.41
CA TYR B 69 3.45 -1.94 -3.05
C TYR B 69 2.97 -2.99 -4.05
N ALA B 70 2.58 -4.15 -3.50
CA ALA B 70 1.98 -5.25 -4.24
C ALA B 70 2.96 -6.08 -5.11
N GLY B 71 4.26 -5.82 -4.96
CA GLY B 71 5.28 -6.72 -5.49
C GLY B 71 5.56 -6.57 -6.97
N ALA B 72 6.62 -7.23 -7.43
CA ALA B 72 7.16 -7.00 -8.77
C ALA B 72 6.18 -7.34 -9.90
N GLY B 73 5.34 -8.35 -9.66
CA GLY B 73 4.36 -8.77 -10.66
C GLY B 73 3.32 -7.70 -10.96
N ASN B 74 3.15 -6.77 -10.04
CA ASN B 74 2.21 -5.68 -10.20
C ASN B 74 2.88 -4.33 -10.50
N ALA B 75 4.18 -4.35 -10.78
CA ALA B 75 4.86 -3.13 -11.19
C ALA B 75 4.17 -2.56 -12.42
N SER B 76 4.04 -1.23 -12.48
CA SER B 76 3.40 -0.61 -13.63
C SER B 76 4.44 -0.07 -14.62
N THR B 77 5.70 -0.07 -14.22
CA THR B 77 6.78 0.37 -15.12
C THR B 77 7.90 -0.66 -15.13
N LYS B 78 8.78 -0.51 -16.12
CA LYS B 78 9.76 -1.53 -16.48
C LYS B 78 10.86 -1.75 -15.44
N LEU B 79 11.28 -0.66 -14.78
CA LEU B 79 12.44 -0.71 -13.89
C LEU B 79 12.12 -0.58 -12.39
N ALA B 80 10.85 -0.41 -12.05
CA ALA B 80 10.47 -0.30 -10.64
C ALA B 80 10.68 -1.61 -9.86
N GLY B 81 10.42 -2.74 -10.49
CA GLY B 81 10.53 -4.02 -9.83
C GLY B 81 9.76 -3.97 -8.51
N GLU B 82 10.37 -4.41 -7.43
CA GLU B 82 9.75 -4.32 -6.11
C GLU B 82 10.72 -3.83 -5.02
N VAL B 83 11.86 -3.28 -5.43
CA VAL B 83 12.81 -2.75 -4.48
C VAL B 83 13.71 -1.68 -5.08
N ILE B 84 14.00 -0.66 -4.30
CA ILE B 84 15.07 0.26 -4.62
C ILE B 84 16.07 0.26 -3.46
N GLY B 85 17.34 0.11 -3.81
CA GLY B 85 18.41 0.21 -2.83
C GLY B 85 19.37 1.32 -3.20
N ILE B 86 19.91 2.00 -2.20
CA ILE B 86 20.93 3.03 -2.41
C ILE B 86 22.12 2.78 -1.48
N LEU B 87 23.28 2.58 -2.09
CA LEU B 87 24.54 2.54 -1.36
C LEU B 87 25.19 3.90 -1.41
N ALA B 88 25.86 4.29 -0.33
CA ALA B 88 26.61 5.52 -0.31
C ALA B 88 28.06 5.23 0.04
N GLY B 89 28.98 5.90 -0.63
CA GLY B 89 30.40 5.70 -0.39
C GLY B 89 31.20 6.95 -0.70
N PRO B 90 32.52 6.88 -0.47
CA PRO B 90 33.39 8.05 -0.57
C PRO B 90 33.76 8.42 -2.01
N SER B 91 33.52 7.53 -2.94
CA SER B 91 33.91 7.75 -4.33
C SER B 91 33.14 6.84 -5.25
N PRO B 92 33.11 7.18 -6.54
CA PRO B 92 32.50 6.29 -7.53
C PRO B 92 33.16 4.91 -7.59
N ALA B 93 34.48 4.84 -7.43
CA ALA B 93 35.15 3.53 -7.50
C ALA B 93 34.66 2.60 -6.40
N GLU B 94 34.52 3.14 -5.21
CA GLU B 94 34.15 2.35 -4.05
C GLU B 94 32.67 1.96 -4.16
N VAL B 95 31.85 2.87 -4.65
CA VAL B 95 30.45 2.55 -4.89
C VAL B 95 30.32 1.48 -5.96
N ARG B 96 31.13 1.58 -7.02
CA ARG B 96 31.13 0.59 -8.06
C ARG B 96 31.50 -0.79 -7.50
N SER B 97 32.50 -0.84 -6.64
CA SER B 97 32.91 -2.10 -6.01
CA SER B 97 32.90 -2.11 -6.03
C SER B 97 31.76 -2.71 -5.23
N GLY B 98 31.07 -1.87 -4.45
CA GLY B 98 29.93 -2.33 -3.68
C GLY B 98 28.79 -2.83 -4.55
N LEU B 99 28.48 -2.10 -5.62
CA LEU B 99 27.44 -2.54 -6.54
C LEU B 99 27.80 -3.88 -7.19
N ASN B 100 29.06 -4.05 -7.57
CA ASN B 100 29.49 -5.33 -8.15
C ASN B 100 29.29 -6.48 -7.17
N ALA B 101 29.63 -6.25 -5.91
CA ALA B 101 29.39 -7.25 -4.87
C ALA B 101 27.90 -7.55 -4.70
N THR B 102 27.08 -6.51 -4.78
CA THR B 102 25.62 -6.67 -4.69
C THR B 102 25.12 -7.55 -5.84
N LEU B 103 25.53 -7.20 -7.07
CA LEU B 103 25.14 -7.97 -8.25
C LEU B 103 25.59 -9.43 -8.16
N ASP B 104 26.83 -9.65 -7.76
CA ASP B 104 27.34 -11.01 -7.64
C ASP B 104 26.52 -11.81 -6.64
N PHE B 105 26.17 -11.19 -5.52
CA PHE B 105 25.38 -11.90 -4.52
C PHE B 105 23.99 -12.24 -5.04
N ILE B 106 23.34 -11.28 -5.69
CA ILE B 106 22.02 -11.54 -6.26
C ILE B 106 22.05 -12.73 -7.23
N ASP B 107 23.13 -12.87 -8.00
CA ASP B 107 23.24 -13.94 -8.99
C ASP B 107 23.89 -15.22 -8.44
N SER B 108 24.00 -15.33 -7.13
CA SER B 108 24.88 -16.35 -6.54
C SER B 108 24.17 -17.66 -6.25
N GLY B 109 22.85 -17.71 -6.43
CA GLY B 109 22.10 -18.93 -6.17
C GLY B 109 21.12 -18.80 -5.02
N VAL B 110 21.17 -17.66 -4.34
CA VAL B 110 20.16 -17.34 -3.32
C VAL B 110 18.83 -16.98 -3.98
N GLY B 111 17.75 -17.11 -3.23
CA GLY B 111 16.45 -16.75 -3.74
C GLY B 111 15.30 -17.37 -2.99
N PHE B 112 14.10 -16.90 -3.30
CA PHE B 112 12.89 -17.52 -2.81
C PHE B 112 12.78 -18.90 -3.45
N VAL B 113 12.11 -19.80 -2.74
CA VAL B 113 11.98 -21.18 -3.15
C VAL B 113 10.51 -21.52 -3.24
N SER B 114 10.12 -22.28 -4.26
CA SER B 114 8.74 -22.67 -4.46
C SER B 114 8.29 -23.75 -3.47
N ALA B 115 7.07 -23.60 -2.96
CA ALA B 115 6.50 -24.57 -2.03
C ALA B 115 5.44 -25.48 -2.67
N ASN B 116 5.19 -25.32 -3.97
CA ASN B 116 4.15 -26.12 -4.62
C ASN B 116 4.31 -26.22 -6.13
N GLU B 117 3.43 -26.97 -6.77
CA GLU B 117 3.63 -27.40 -8.14
C GLU B 117 3.66 -26.25 -9.15
N ASP B 118 2.88 -25.21 -8.89
CA ASP B 118 2.79 -24.08 -9.82
C ASP B 118 3.49 -22.83 -9.29
N ASP B 119 4.29 -23.00 -8.23
CA ASP B 119 5.09 -21.91 -7.68
C ASP B 119 4.24 -20.73 -7.24
N SER B 120 3.02 -21.01 -6.80
CA SER B 120 2.11 -19.97 -6.34
C SER B 120 2.27 -19.68 -4.85
N ILE B 121 3.08 -20.48 -4.17
CA ILE B 121 3.49 -20.19 -2.82
C ILE B 121 5.02 -20.30 -2.78
N CYS B 122 5.69 -19.29 -2.23
CA CYS B 122 7.14 -19.30 -2.15
CA CYS B 122 7.14 -19.32 -2.14
C CYS B 122 7.60 -18.67 -0.85
N TYR B 123 8.86 -18.93 -0.49
CA TYR B 123 9.39 -18.39 0.74
C TYR B 123 10.90 -18.20 0.63
N TYR B 124 11.43 -17.44 1.58
CA TYR B 124 12.85 -17.15 1.69
C TYR B 124 13.30 -17.60 3.07
N ALA B 125 14.36 -18.39 3.11
CA ALA B 125 14.87 -18.89 4.37
C ALA B 125 16.39 -18.91 4.25
N GLN B 126 16.98 -17.74 4.46
CA GLN B 126 18.39 -17.56 4.17
C GLN B 126 19.16 -17.38 5.46
N CYS B 127 20.24 -18.15 5.62
CA CYS B 127 21.11 -18.01 6.77
C CYS B 127 22.23 -17.05 6.39
N VAL B 128 22.24 -15.89 7.04
CA VAL B 128 23.33 -14.93 6.88
C VAL B 128 24.34 -15.20 7.98
N SER B 129 25.44 -15.85 7.62
CA SER B 129 26.42 -16.33 8.59
CA SER B 129 26.39 -16.33 8.61
C SER B 129 27.09 -15.19 9.34
N ARG B 130 27.39 -14.11 8.62
CA ARG B 130 28.08 -12.97 9.18
C ARG B 130 27.47 -11.70 8.60
N THR B 131 26.66 -11.01 9.39
CA THR B 131 26.05 -9.77 8.91
C THR B 131 27.07 -8.68 8.62
N GLY B 132 26.73 -7.89 7.62
CA GLY B 132 27.40 -6.63 7.36
C GLY B 132 26.82 -5.54 8.24
N SER B 133 26.96 -4.29 7.80
CA SER B 133 26.60 -3.15 8.62
C SER B 133 25.13 -2.76 8.47
N TYR B 134 24.41 -3.37 7.53
CA TYR B 134 23.03 -2.98 7.27
C TYR B 134 22.07 -3.85 8.07
N LEU B 135 22.12 -5.16 7.86
CA LEU B 135 21.21 -6.06 8.57
C LEU B 135 21.52 -6.16 10.06
N SER B 136 22.79 -6.03 10.46
CA SER B 136 23.10 -6.02 11.89
C SER B 136 22.39 -4.84 12.56
N LYS B 137 22.46 -3.67 11.93
CA LYS B 137 21.80 -2.49 12.51
C LYS B 137 20.29 -2.65 12.54
N THR B 138 19.72 -3.17 11.46
CA THR B 138 18.27 -3.29 11.41
C THR B 138 17.78 -4.32 12.43
N ALA B 139 18.56 -5.38 12.65
CA ALA B 139 18.21 -6.42 13.59
C ALA B 139 18.55 -6.05 15.04
N GLY B 140 19.39 -5.04 15.24
CA GLY B 140 19.80 -4.65 16.59
C GLY B 140 20.80 -5.60 17.21
N ILE B 141 21.74 -6.10 16.40
CA ILE B 141 22.78 -7.00 16.89
C ILE B 141 24.14 -6.48 16.48
N ARG B 142 25.19 -7.06 17.06
CA ARG B 142 26.55 -6.70 16.69
C ARG B 142 26.81 -7.04 15.24
N GLU B 143 27.58 -6.19 14.59
CA GLU B 143 28.05 -6.48 13.26
C GLU B 143 28.76 -7.82 13.27
N GLY B 144 28.49 -8.65 12.27
CA GLY B 144 29.17 -9.92 12.18
C GLY B 144 28.44 -11.10 12.81
N GLU B 145 27.38 -10.83 13.57
CA GLU B 145 26.57 -11.91 14.13
CA GLU B 145 26.60 -11.93 14.12
C GLU B 145 25.65 -12.47 13.05
N ALA B 146 25.13 -13.67 13.27
CA ALA B 146 24.34 -14.38 12.25
C ALA B 146 22.86 -14.08 12.32
N LEU B 147 22.18 -14.26 11.19
CA LEU B 147 20.73 -14.13 11.13
C LEU B 147 20.12 -15.27 10.34
N ALA B 148 18.90 -15.61 10.72
CA ALA B 148 18.00 -16.34 9.83
C ALA B 148 17.04 -15.29 9.27
N TYR B 149 17.04 -15.15 7.95
CA TYR B 149 16.21 -14.17 7.26
C TYR B 149 15.04 -14.96 6.67
N LEU B 150 13.88 -14.83 7.30
CA LEU B 150 12.74 -15.68 7.01
C LEU B 150 11.57 -14.85 6.50
N VAL B 151 11.08 -15.20 5.31
CA VAL B 151 9.98 -14.49 4.67
C VAL B 151 9.03 -15.45 3.97
N ALA B 152 7.73 -15.22 4.14
CA ALA B 152 6.70 -16.02 3.47
C ALA B 152 5.41 -15.21 3.40
N PRO B 153 4.38 -15.73 2.69
CA PRO B 153 3.12 -14.98 2.68
C PRO B 153 2.53 -14.96 4.10
N PRO B 154 1.53 -14.10 4.36
CA PRO B 154 1.14 -13.77 5.74
C PRO B 154 0.88 -14.93 6.70
N LEU B 155 -0.04 -15.83 6.37
CA LEU B 155 -0.36 -16.89 7.30
C LEU B 155 0.79 -17.88 7.41
N GLU B 156 1.36 -18.24 6.27
CA GLU B 156 2.49 -19.18 6.26
C GLU B 156 3.61 -18.65 7.16
N ALA B 157 3.87 -17.35 7.08
CA ALA B 157 4.96 -16.76 7.84
C ALA B 157 4.71 -16.85 9.35
N MET B 158 3.50 -16.55 9.77
CA MET B 158 3.20 -16.57 11.20
CA MET B 158 3.16 -16.58 11.20
C MET B 158 3.32 -17.99 11.74
N TYR B 159 2.72 -18.95 11.02
CA TYR B 159 2.77 -20.36 11.39
C TYR B 159 4.22 -20.89 11.40
N ALA B 160 4.98 -20.54 10.35
CA ALA B 160 6.34 -21.06 10.20
C ALA B 160 7.33 -20.37 11.14
N LEU B 161 7.09 -19.11 11.49
CA LEU B 161 7.94 -18.45 12.46
C LEU B 161 7.83 -19.15 13.81
N ASP B 162 6.61 -19.49 14.17
CA ASP B 162 6.40 -20.19 15.42
C ASP B 162 7.14 -21.52 15.41
N ALA B 163 7.05 -22.24 14.29
CA ALA B 163 7.78 -23.49 14.14
C ALA B 163 9.29 -23.30 14.25
N ALA B 164 9.81 -22.25 13.62
CA ALA B 164 11.25 -21.99 13.62
C ALA B 164 11.73 -21.67 15.03
N LEU B 165 10.96 -20.83 15.73
CA LEU B 165 11.30 -20.45 17.10
C LEU B 165 11.29 -21.65 18.03
N LYS B 166 10.39 -22.60 17.82
CA LYS B 166 10.37 -23.76 18.69
C LYS B 166 11.49 -24.74 18.37
N ALA B 167 11.91 -24.78 17.10
CA ALA B 167 12.85 -25.80 16.64
C ALA B 167 14.31 -25.40 16.84
N ALA B 168 14.58 -24.10 16.82
CA ALA B 168 15.95 -23.60 16.74
C ALA B 168 16.27 -22.69 17.91
N ASP B 169 17.53 -22.69 18.35
CA ASP B 169 17.95 -21.90 19.50
C ASP B 169 18.26 -20.46 19.10
N VAL B 170 17.21 -19.70 18.75
CA VAL B 170 17.34 -18.35 18.22
C VAL B 170 16.51 -17.32 19.00
N GLU B 171 16.78 -16.03 18.76
CA GLU B 171 16.04 -14.94 19.38
C GLU B 171 15.39 -14.10 18.31
N MET B 172 14.23 -13.51 18.62
CA MET B 172 13.54 -12.64 17.69
C MET B 172 14.22 -11.28 17.64
N CYS B 173 14.46 -10.76 16.45
CA CYS B 173 15.03 -9.41 16.31
C CYS B 173 14.03 -8.46 15.67
N GLU B 174 13.85 -8.57 14.36
CA GLU B 174 12.95 -7.69 13.63
C GLU B 174 11.77 -8.51 13.10
N PHE B 175 10.55 -8.07 13.42
CA PHE B 175 9.33 -8.73 12.96
C PHE B 175 8.77 -7.97 11.78
N PHE B 176 8.54 -8.66 10.66
CA PHE B 176 7.94 -8.06 9.49
C PHE B 176 6.45 -8.33 9.54
N ALA B 177 5.68 -7.42 10.13
CA ALA B 177 4.26 -7.69 10.38
C ALA B 177 3.48 -7.62 9.07
N PRO B 178 2.59 -8.59 8.81
CA PRO B 178 1.86 -8.60 7.53
C PRO B 178 0.79 -7.51 7.47
N PRO B 179 0.70 -6.80 6.34
CA PRO B 179 1.54 -6.93 5.14
C PRO B 179 2.78 -6.04 5.15
N THR B 180 3.89 -6.56 4.64
CA THR B 180 4.94 -5.68 4.13
C THR B 180 4.40 -5.05 2.85
N GLU B 181 5.15 -4.16 2.21
CA GLU B 181 4.65 -3.53 0.99
C GLU B 181 4.28 -4.57 -0.06
N THR B 182 5.06 -5.66 -0.12
CA THR B 182 4.82 -6.74 -1.10
C THR B 182 3.81 -7.79 -0.65
N ASN B 183 3.17 -7.57 0.49
CA ASN B 183 2.18 -8.48 1.06
C ASN B 183 2.77 -9.80 1.49
N PHE B 184 3.98 -9.73 2.00
CA PHE B 184 4.59 -10.85 2.68
C PHE B 184 4.77 -10.53 4.17
N ALA B 185 5.49 -11.39 4.88
CA ALA B 185 5.73 -11.24 6.31
C ALA B 185 6.89 -12.15 6.69
N GLY B 186 7.32 -12.08 7.95
CA GLY B 186 8.47 -12.86 8.36
C GLY B 186 9.22 -12.22 9.50
N ALA B 187 10.51 -12.55 9.62
CA ALA B 187 11.33 -11.96 10.66
C ALA B 187 12.81 -12.19 10.41
N LEU B 188 13.62 -11.38 11.08
CA LEU B 188 15.04 -11.64 11.28
C LEU B 188 15.21 -12.24 12.67
N LEU B 189 15.76 -13.45 12.74
CA LEU B 189 16.08 -14.09 14.00
C LEU B 189 17.59 -14.24 14.10
N THR B 190 18.12 -14.23 15.32
CA THR B 190 19.56 -14.33 15.51
C THR B 190 19.91 -15.47 16.44
N GLY B 191 21.15 -15.94 16.31
CA GLY B 191 21.69 -16.98 17.15
C GLY B 191 23.01 -17.42 16.57
N SER B 192 23.47 -18.62 16.93
CA SER B 192 24.66 -19.18 16.32
C SER B 192 24.36 -19.45 14.86
N GLN B 193 25.41 -19.60 14.03
CA GLN B 193 25.17 -19.99 12.65
C GLN B 193 24.37 -21.29 12.58
N SER B 194 24.71 -22.23 13.45
CA SER B 194 23.99 -23.49 13.51
C SER B 194 22.50 -23.28 13.78
N ALA B 195 22.19 -22.46 14.76
CA ALA B 195 20.81 -22.23 15.15
C ALA B 195 20.04 -21.50 14.06
N CYS B 196 20.70 -20.56 13.39
CA CYS B 196 20.05 -19.84 12.30
C CYS B 196 19.72 -20.79 11.13
N LYS B 197 20.65 -21.67 10.82
CA LYS B 197 20.41 -22.69 9.80
C LYS B 197 19.23 -23.61 10.20
N ALA B 198 19.20 -24.03 11.46
CA ALA B 198 18.09 -24.86 11.93
C ALA B 198 16.75 -24.11 11.80
N ALA B 199 16.76 -22.82 12.07
CA ALA B 199 15.55 -22.01 11.96
C ALA B 199 15.06 -21.97 10.51
N CYS B 200 16.01 -21.78 9.59
CA CYS B 200 15.71 -21.77 8.18
C CYS B 200 15.07 -23.09 7.75
N ASP B 201 15.65 -24.19 8.17
CA ASP B 201 15.14 -25.51 7.79
C ASP B 201 13.72 -25.72 8.32
N ALA B 202 13.48 -25.36 9.58
CA ALA B 202 12.17 -25.53 10.19
C ALA B 202 11.12 -24.60 9.57
N PHE B 203 11.54 -23.39 9.24
CA PHE B 203 10.67 -22.41 8.58
C PHE B 203 10.23 -22.95 7.22
N ALA B 204 11.19 -23.39 6.42
CA ALA B 204 10.91 -23.93 5.09
C ALA B 204 9.94 -25.12 5.21
N GLU B 205 10.22 -26.04 6.12
CA GLU B 205 9.38 -27.21 6.30
C GLU B 205 7.94 -26.81 6.63
N ALA B 206 7.80 -25.83 7.52
CA ALA B 206 6.46 -25.40 7.95
C ALA B 206 5.69 -24.71 6.82
N VAL B 207 6.35 -23.89 6.02
CA VAL B 207 5.67 -23.24 4.90
C VAL B 207 5.18 -24.32 3.92
N GLN B 208 6.03 -25.29 3.63
CA GLN B 208 5.63 -26.40 2.76
C GLN B 208 4.44 -27.16 3.33
N SER B 209 4.41 -27.34 4.65
CA SER B 209 3.31 -28.04 5.31
CA SER B 209 3.30 -28.06 5.27
C SER B 209 1.98 -27.30 5.10
N VAL B 210 2.01 -25.97 5.17
CA VAL B 210 0.78 -25.20 4.98
C VAL B 210 0.32 -25.29 3.53
N ALA B 211 1.27 -25.19 2.61
CA ALA B 211 0.96 -25.27 1.19
C ALA B 211 0.28 -26.61 0.87
N SER B 212 0.73 -27.68 1.53
CA SER B 212 0.16 -29.00 1.26
CA SER B 212 0.17 -29.00 1.28
C SER B 212 -1.16 -29.23 2.00
N ASN B 213 -1.48 -28.38 2.97
CA ASN B 213 -2.69 -28.57 3.76
C ASN B 213 -3.20 -27.22 4.26
N PRO B 214 -3.70 -26.40 3.33
CA PRO B 214 -3.91 -24.99 3.72
C PRO B 214 -5.09 -24.76 4.65
N LEU B 215 -6.09 -25.64 4.61
CA LEU B 215 -7.31 -25.42 5.39
C LEU B 215 -7.41 -26.32 6.62
N GLY B 216 -6.44 -27.21 6.82
CA GLY B 216 -6.51 -28.20 7.90
C GLY B 216 -6.12 -27.67 9.27
N PHE B 217 -7.03 -27.74 10.25
CA PHE B 217 -6.72 -27.24 11.59
C PHE B 217 -7.33 -28.04 12.74
N LEU B 218 -7.99 -29.15 12.42
CA LEU B 218 -8.83 -29.84 13.41
C LEU B 218 -8.09 -30.90 14.22
N GLU B 219 -6.87 -31.22 13.83
CA GLU B 219 -6.11 -32.27 14.50
C GLU B 219 -5.79 -31.92 15.95
N HIS B 220 -5.65 -32.94 16.79
CA HIS B 220 -5.33 -32.73 18.20
C HIS B 220 -4.09 -31.86 18.38
N HIS B 221 -4.20 -30.89 19.27
CA HIS B 221 -3.10 -29.98 19.58
C HIS B 221 -2.77 -30.04 21.07
N MET C 1 -23.64 -9.41 -12.38
CA MET C 1 -24.54 -8.28 -12.75
C MET C 1 -25.02 -7.57 -11.49
N LYS C 2 -25.72 -6.46 -11.68
CA LYS C 2 -26.10 -5.60 -10.55
C LYS C 2 -26.96 -6.36 -9.51
N ASN C 3 -26.63 -6.14 -8.25
CA ASN C 3 -27.30 -6.76 -7.10
C ASN C 3 -26.89 -8.22 -6.84
N ASP C 4 -26.04 -8.79 -7.68
CA ASP C 4 -25.47 -10.09 -7.39
C ASP C 4 -24.60 -10.03 -6.14
N LEU C 5 -24.67 -11.08 -5.33
CA LEU C 5 -23.74 -11.23 -4.22
C LEU C 5 -22.41 -11.76 -4.76
N ILE C 6 -21.31 -11.16 -4.31
CA ILE C 6 -20.00 -11.65 -4.67
C ILE C 6 -19.52 -12.60 -3.57
N ARG C 7 -19.38 -13.87 -3.92
CA ARG C 7 -19.05 -14.87 -2.92
C ARG C 7 -17.65 -14.67 -2.36
N PRO C 8 -17.53 -14.57 -1.03
CA PRO C 8 -16.22 -14.52 -0.39
C PRO C 8 -15.67 -15.93 -0.17
N ASN C 9 -14.34 -16.05 -0.16
CA ASN C 9 -13.72 -17.36 -0.08
C ASN C 9 -12.61 -17.39 0.96
N VAL C 10 -12.64 -18.37 1.86
CA VAL C 10 -11.52 -18.57 2.78
C VAL C 10 -10.40 -19.30 2.03
N LEU C 11 -9.14 -18.93 2.30
CA LEU C 11 -8.00 -19.52 1.59
C LEU C 11 -7.14 -20.42 2.47
N SER C 12 -6.96 -20.04 3.74
CA SER C 12 -6.15 -20.81 4.65
CA SER C 12 -6.18 -20.84 4.66
C SER C 12 -6.59 -20.59 6.10
N VAL C 13 -6.48 -21.65 6.91
CA VAL C 13 -6.78 -21.62 8.33
CA VAL C 13 -6.76 -21.59 8.33
C VAL C 13 -5.82 -22.55 9.07
N LYS C 14 -5.18 -22.05 10.11
CA LYS C 14 -4.24 -22.85 10.90
CA LYS C 14 -4.26 -22.86 10.91
C LYS C 14 -4.33 -22.47 12.37
N ILE C 15 -3.86 -23.37 13.24
CA ILE C 15 -3.78 -23.10 14.67
C ILE C 15 -2.34 -23.20 15.14
N ILE C 16 -1.96 -22.28 16.03
CA ILE C 16 -0.72 -22.39 16.79
C ILE C 16 -1.07 -22.69 18.24
N SER C 17 -0.64 -23.86 18.72
CA SER C 17 -0.77 -24.19 20.13
C SER C 17 0.44 -23.67 20.89
N ASN C 18 0.23 -23.31 22.14
CA ASN C 18 1.30 -22.81 22.99
CA ASN C 18 1.31 -22.82 22.98
C ASN C 18 2.22 -21.87 22.22
N VAL C 19 1.70 -20.70 21.92
CA VAL C 19 2.43 -19.69 21.19
C VAL C 19 3.76 -19.40 21.87
N SER C 20 4.81 -19.27 21.08
CA SER C 20 6.12 -18.95 21.61
C SER C 20 6.10 -17.58 22.26
N PRO C 21 6.90 -17.38 23.30
CA PRO C 21 6.96 -16.09 23.98
C PRO C 21 7.45 -15.00 23.05
N GLU C 22 8.31 -15.36 22.10
CA GLU C 22 8.85 -14.39 21.15
C GLU C 22 7.74 -13.82 20.27
N MET C 23 6.87 -14.68 19.75
CA MET C 23 5.77 -14.21 18.94
CA MET C 23 5.74 -14.24 18.93
C MET C 23 4.71 -13.52 19.79
N ALA C 24 4.47 -14.04 20.99
CA ALA C 24 3.50 -13.41 21.88
C ALA C 24 3.86 -11.94 22.08
N LYS C 25 5.16 -11.68 22.25
CA LYS C 25 5.65 -10.33 22.47
C LYS C 25 5.46 -9.42 21.25
N LYS C 26 5.81 -9.91 20.06
CA LYS C 26 5.66 -9.10 18.86
C LYS C 26 4.19 -8.85 18.49
N LEU C 27 3.31 -9.76 18.88
CA LEU C 27 1.87 -9.61 18.62
C LEU C 27 1.16 -8.89 19.77
N GLU C 28 1.91 -8.56 20.81
CA GLU C 28 1.39 -7.81 21.95
C GLU C 28 0.21 -8.54 22.60
N LEU C 29 0.36 -9.85 22.76
CA LEU C 29 -0.68 -10.68 23.37
C LEU C 29 -0.78 -10.46 24.88
N GLU C 30 -1.98 -10.71 25.41
CA GLU C 30 -2.18 -10.81 26.86
C GLU C 30 -1.59 -12.11 27.38
N PRO C 31 -1.20 -12.14 28.66
CA PRO C 31 -0.57 -13.32 29.23
C PRO C 31 -1.44 -14.57 29.14
N HIS C 32 -2.76 -14.40 29.17
CA HIS C 32 -3.64 -15.56 29.16
C HIS C 32 -3.90 -16.10 27.76
N HIS C 33 -3.40 -15.39 26.74
CA HIS C 33 -3.46 -15.86 25.36
C HIS C 33 -2.38 -16.92 25.13
N LYS C 34 -2.80 -18.17 25.01
CA LYS C 34 -1.85 -19.27 24.88
C LYS C 34 -1.85 -19.88 23.49
N SER C 35 -2.93 -19.66 22.73
CA SER C 35 -3.14 -20.30 21.44
CA SER C 35 -3.10 -20.28 21.43
C SER C 35 -3.64 -19.29 20.43
N LEU C 36 -3.24 -19.46 19.16
CA LEU C 36 -3.66 -18.56 18.10
C LEU C 36 -4.37 -19.31 16.98
N GLY C 37 -5.40 -18.68 16.41
CA GLY C 37 -6.05 -19.18 15.22
C GLY C 37 -5.80 -18.20 14.10
N LEU C 38 -5.27 -18.70 12.99
CA LEU C 38 -4.89 -17.86 11.85
C LEU C 38 -5.84 -18.11 10.69
N ILE C 39 -6.25 -17.05 9.99
CA ILE C 39 -7.11 -17.20 8.82
C ILE C 39 -6.81 -16.15 7.74
N THR C 40 -6.85 -16.59 6.48
CA THR C 40 -6.83 -15.65 5.36
C THR C 40 -7.99 -15.93 4.43
N ALA C 41 -8.40 -14.91 3.69
CA ALA C 41 -9.53 -15.00 2.79
C ALA C 41 -9.40 -13.95 1.69
N ASP C 42 -10.27 -14.00 0.70
CA ASP C 42 -10.18 -13.06 -0.41
C ASP C 42 -11.10 -11.83 -0.29
N CYS C 43 -11.67 -11.60 0.90
CA CYS C 43 -12.52 -10.45 1.13
C CYS C 43 -12.34 -9.97 2.57
N ASP C 44 -11.74 -8.80 2.73
CA ASP C 44 -11.39 -8.37 4.08
C ASP C 44 -12.58 -8.06 4.98
N ASP C 45 -13.51 -7.24 4.53
CA ASP C 45 -14.52 -6.75 5.46
C ASP C 45 -15.48 -7.87 5.88
N VAL C 46 -15.72 -8.84 4.99
CA VAL C 46 -16.53 -10.00 5.37
C VAL C 46 -15.79 -10.78 6.46
N THR C 47 -14.47 -10.91 6.30
CA THR C 47 -13.67 -11.62 7.27
C THR C 47 -13.67 -10.90 8.63
N TYR C 48 -13.54 -9.58 8.62
CA TYR C 48 -13.56 -8.84 9.88
C TYR C 48 -14.90 -9.01 10.58
N THR C 49 -15.99 -9.04 9.81
CA THR C 49 -17.32 -9.24 10.39
C THR C 49 -17.41 -10.64 11.00
N ALA C 50 -16.85 -11.60 10.29
CA ALA C 50 -16.81 -13.00 10.72
C ALA C 50 -15.99 -13.18 12.00
N LEU C 51 -14.86 -12.47 12.10
CA LEU C 51 -14.03 -12.55 13.28
C LEU C 51 -14.77 -11.98 14.49
N ASP C 52 -15.56 -10.94 14.25
CA ASP C 52 -16.39 -10.40 15.31
C ASP C 52 -17.39 -11.46 15.75
N GLU C 53 -17.97 -12.20 14.80
CA GLU C 53 -18.90 -13.25 15.17
C GLU C 53 -18.21 -14.30 16.04
N ALA C 54 -16.97 -14.60 15.71
CA ALA C 54 -16.18 -15.57 16.48
C ALA C 54 -16.07 -15.17 17.96
N THR C 55 -15.95 -13.87 18.23
CA THR C 55 -15.81 -13.42 19.62
C THR C 55 -17.10 -13.57 20.42
N LYS C 56 -18.22 -13.82 19.73
CA LYS C 56 -19.48 -14.10 20.39
C LYS C 56 -19.67 -15.60 20.63
N ALA C 57 -18.97 -16.42 19.85
CA ALA C 57 -19.16 -17.87 19.85
C ALA C 57 -18.21 -18.63 20.77
N ALA C 58 -17.09 -18.01 21.12
CA ALA C 58 -16.02 -18.73 21.83
C ALA C 58 -15.19 -17.76 22.65
N GLU C 59 -14.33 -18.31 23.51
CA GLU C 59 -13.48 -17.48 24.34
C GLU C 59 -12.25 -17.09 23.54
N VAL C 60 -12.42 -16.15 22.62
CA VAL C 60 -11.32 -15.64 21.81
C VAL C 60 -11.41 -14.12 21.65
N ASP C 61 -10.24 -13.51 21.48
CA ASP C 61 -10.14 -12.10 21.14
C ASP C 61 -9.53 -11.97 19.75
N VAL C 62 -9.93 -10.94 18.99
CA VAL C 62 -9.25 -10.64 17.74
C VAL C 62 -8.02 -9.81 18.07
N VAL C 63 -6.84 -10.37 17.83
CA VAL C 63 -5.59 -9.70 18.21
C VAL C 63 -4.82 -9.17 17.00
N TYR C 64 -5.23 -9.56 15.81
CA TYR C 64 -4.56 -9.09 14.59
C TYR C 64 -5.56 -9.12 13.46
N ALA C 65 -5.58 -8.05 12.66
CA ALA C 65 -6.53 -7.93 11.57
C ALA C 65 -6.06 -6.89 10.58
N ARG C 66 -5.45 -7.34 9.48
CA ARG C 66 -4.91 -6.42 8.49
C ARG C 66 -5.26 -6.85 7.06
N SER C 67 -5.44 -5.85 6.21
CA SER C 67 -5.72 -6.05 4.78
C SER C 67 -4.46 -5.92 3.93
N MET C 68 -4.49 -6.53 2.75
CA MET C 68 -3.35 -6.55 1.84
C MET C 68 -3.44 -5.44 0.79
N TYR C 69 -2.28 -4.88 0.44
CA TYR C 69 -2.21 -3.79 -0.53
C TYR C 69 -2.73 -4.21 -1.91
N ALA C 70 -3.68 -3.43 -2.42
CA ALA C 70 -4.26 -3.56 -3.76
C ALA C 70 -5.26 -4.72 -3.92
N GLY C 71 -5.59 -5.39 -2.82
CA GLY C 71 -6.69 -6.34 -2.81
C GLY C 71 -6.41 -7.70 -3.38
N ALA C 72 -7.38 -8.61 -3.26
CA ALA C 72 -7.17 -10.02 -3.52
C ALA C 72 -6.85 -10.30 -4.98
N GLY C 73 -7.40 -9.49 -5.88
CA GLY C 73 -7.14 -9.68 -7.30
C GLY C 73 -5.69 -9.43 -7.68
N ASN C 74 -4.97 -8.75 -6.80
CA ASN C 74 -3.57 -8.45 -7.02
C ASN C 74 -2.62 -9.26 -6.13
N ALA C 75 -3.15 -10.26 -5.43
CA ALA C 75 -2.27 -11.12 -4.64
C ALA C 75 -1.27 -11.80 -5.57
N SER C 76 -0.04 -11.93 -5.10
CA SER C 76 0.99 -12.61 -5.87
C SER C 76 1.24 -14.06 -5.43
N THR C 77 0.60 -14.49 -4.34
CA THR C 77 0.67 -15.87 -3.89
C THR C 77 -0.73 -16.39 -3.58
N LYS C 78 -0.85 -17.71 -3.45
CA LYS C 78 -2.15 -18.39 -3.41
C LYS C 78 -2.98 -18.13 -2.17
N LEU C 79 -2.33 -17.99 -1.02
CA LEU C 79 -3.04 -17.92 0.26
C LEU C 79 -3.06 -16.52 0.89
N ALA C 80 -2.44 -15.55 0.26
CA ALA C 80 -2.40 -14.20 0.83
C ALA C 80 -3.77 -13.53 0.79
N GLY C 81 -4.54 -13.78 -0.26
CA GLY C 81 -5.83 -13.12 -0.40
C GLY C 81 -5.72 -11.62 -0.17
N GLU C 82 -6.64 -11.05 0.61
CA GLU C 82 -6.51 -9.65 0.99
C GLU C 82 -6.70 -9.42 2.47
N VAL C 83 -6.63 -10.47 3.29
CA VAL C 83 -6.77 -10.26 4.73
C VAL C 83 -6.09 -11.37 5.52
N ILE C 84 -5.50 -10.99 6.66
CA ILE C 84 -5.09 -11.97 7.65
C ILE C 84 -5.72 -11.58 8.97
N GLY C 85 -6.36 -12.55 9.60
CA GLY C 85 -6.93 -12.38 10.93
C GLY C 85 -6.30 -13.36 11.91
N ILE C 86 -6.15 -12.92 13.16
CA ILE C 86 -5.62 -13.80 14.19
C ILE C 86 -6.48 -13.71 15.43
N LEU C 87 -7.01 -14.86 15.83
CA LEU C 87 -7.74 -15.00 17.06
C LEU C 87 -6.80 -15.52 18.13
N ALA C 88 -6.98 -15.08 19.36
CA ALA C 88 -6.21 -15.60 20.48
C ALA C 88 -7.15 -16.06 21.59
N GLY C 89 -6.83 -17.20 22.19
CA GLY C 89 -7.62 -17.73 23.29
C GLY C 89 -6.75 -18.51 24.25
N PRO C 90 -7.35 -19.06 25.30
CA PRO C 90 -6.59 -19.73 26.36
C PRO C 90 -6.18 -21.16 26.01
N SER C 91 -6.76 -21.72 24.96
CA SER C 91 -6.51 -23.12 24.62
C SER C 91 -6.77 -23.33 23.16
N PRO C 92 -6.18 -24.40 22.59
CA PRO C 92 -6.52 -24.74 21.21
C PRO C 92 -8.01 -25.02 21.02
N ALA C 93 -8.68 -25.58 22.02
CA ALA C 93 -10.10 -25.87 21.86
C ALA C 93 -10.92 -24.60 21.61
N GLU C 94 -10.62 -23.54 22.36
CA GLU C 94 -11.37 -22.30 22.20
C GLU C 94 -11.07 -21.65 20.85
N VAL C 95 -9.81 -21.68 20.45
CA VAL C 95 -9.44 -21.09 19.17
C VAL C 95 -10.10 -21.87 18.03
N ARG C 96 -10.12 -23.18 18.15
CA ARG C 96 -10.79 -24.05 17.20
C ARG C 96 -12.27 -23.68 17.07
N SER C 97 -12.93 -23.47 18.21
CA SER C 97 -14.33 -23.09 18.22
C SER C 97 -14.54 -21.73 17.54
N GLY C 98 -13.66 -20.77 17.86
CA GLY C 98 -13.69 -19.47 17.22
C GLY C 98 -13.51 -19.55 15.71
N LEU C 99 -12.57 -20.38 15.25
CA LEU C 99 -12.29 -20.47 13.82
C LEU C 99 -13.47 -21.11 13.09
N ASN C 100 -14.07 -22.12 13.69
CA ASN C 100 -15.24 -22.75 13.09
C ASN C 100 -16.38 -21.74 12.92
N ALA C 101 -16.60 -20.91 13.94
CA ALA C 101 -17.63 -19.86 13.82
C ALA C 101 -17.32 -18.84 12.71
N THR C 102 -16.04 -18.52 12.57
CA THR C 102 -15.58 -17.58 11.55
C THR C 102 -15.86 -18.15 10.16
N LEU C 103 -15.47 -19.40 9.99
CA LEU C 103 -15.62 -20.05 8.70
C LEU C 103 -17.09 -20.13 8.33
N ASP C 104 -17.93 -20.52 9.28
CA ASP C 104 -19.36 -20.66 9.03
C ASP C 104 -19.97 -19.32 8.66
N PHE C 105 -19.51 -18.25 9.29
CA PHE C 105 -20.06 -16.94 8.95
C PHE C 105 -19.66 -16.50 7.56
N ILE C 106 -18.42 -16.72 7.19
CA ILE C 106 -17.95 -16.33 5.87
C ILE C 106 -18.79 -17.03 4.80
N ASP C 107 -19.18 -18.27 5.06
N ASP C 107 -19.20 -18.26 5.07
CA ASP C 107 -19.95 -19.02 4.08
CA ASP C 107 -19.96 -19.05 4.10
C ASP C 107 -21.44 -18.98 4.38
C ASP C 107 -21.47 -18.84 4.19
N SER C 108 -21.90 -17.93 5.06
CA SER C 108 -23.31 -17.85 5.45
C SER C 108 -24.25 -17.15 4.45
N GLY C 109 -23.68 -16.59 3.38
CA GLY C 109 -24.47 -15.84 2.43
C GLY C 109 -24.18 -14.34 2.45
N VAL C 110 -23.20 -13.94 3.25
CA VAL C 110 -22.77 -12.55 3.33
CA VAL C 110 -22.81 -12.54 3.29
C VAL C 110 -21.81 -12.28 2.17
N GLY C 111 -21.64 -11.00 1.82
CA GLY C 111 -20.70 -10.68 0.76
C GLY C 111 -20.90 -9.27 0.28
N PHE C 112 -19.94 -8.76 -0.47
CA PHE C 112 -20.10 -7.51 -1.18
C PHE C 112 -21.15 -7.70 -2.26
N VAL C 113 -21.77 -6.60 -2.67
CA VAL C 113 -22.85 -6.64 -3.65
C VAL C 113 -22.40 -5.88 -4.88
N SER C 114 -22.68 -6.42 -6.06
CA SER C 114 -22.31 -5.74 -7.29
C SER C 114 -23.23 -4.57 -7.61
N ALA C 115 -22.65 -3.50 -8.14
CA ALA C 115 -23.42 -2.32 -8.54
C ALA C 115 -23.56 -2.16 -10.07
N ASN C 116 -23.03 -3.10 -10.84
CA ASN C 116 -23.10 -2.95 -12.29
C ASN C 116 -22.94 -4.28 -13.05
N GLU C 117 -23.01 -4.21 -14.38
CA GLU C 117 -23.20 -5.41 -15.19
C GLU C 117 -22.02 -6.38 -15.10
N ASP C 118 -20.80 -5.85 -15.01
CA ASP C 118 -19.62 -6.72 -14.96
C ASP C 118 -18.99 -6.79 -13.58
N ASP C 119 -19.74 -6.35 -12.56
CA ASP C 119 -19.29 -6.40 -11.18
C ASP C 119 -17.95 -5.70 -11.01
N SER C 120 -17.75 -4.60 -11.73
CA SER C 120 -16.53 -3.80 -11.62
C SER C 120 -16.66 -2.69 -10.57
N ILE C 121 -17.86 -2.53 -10.03
CA ILE C 121 -18.06 -1.70 -8.84
C ILE C 121 -18.86 -2.52 -7.87
N CYS C 122 -18.41 -2.57 -6.62
CA CYS C 122 -19.14 -3.32 -5.59
CA CYS C 122 -19.12 -3.32 -5.58
C CYS C 122 -19.06 -2.58 -4.26
N TYR C 123 -19.90 -2.98 -3.32
CA TYR C 123 -19.96 -2.34 -2.02
C TYR C 123 -20.47 -3.31 -0.97
N TYR C 124 -20.29 -2.93 0.29
CA TYR C 124 -20.73 -3.70 1.44
C TYR C 124 -21.59 -2.77 2.27
N ALA C 125 -22.79 -3.23 2.63
CA ALA C 125 -23.71 -2.45 3.43
C ALA C 125 -24.38 -3.39 4.41
N GLN C 126 -23.63 -3.77 5.43
CA GLN C 126 -24.02 -4.86 6.33
C GLN C 126 -24.49 -4.28 7.65
N CYS C 127 -25.68 -4.68 8.07
CA CYS C 127 -26.14 -4.32 9.38
C CYS C 127 -25.67 -5.39 10.37
N VAL C 128 -24.76 -5.02 11.27
CA VAL C 128 -24.33 -5.90 12.34
C VAL C 128 -25.28 -5.64 13.50
N SER C 129 -26.24 -6.53 13.69
CA SER C 129 -27.32 -6.28 14.62
CA SER C 129 -27.34 -6.31 14.62
C SER C 129 -26.87 -6.43 16.07
N ARG C 130 -25.82 -7.23 16.29
CA ARG C 130 -25.33 -7.47 17.63
C ARG C 130 -23.81 -7.65 17.63
N THR C 131 -23.09 -6.55 17.87
CA THR C 131 -21.62 -6.59 17.84
C THR C 131 -21.03 -7.48 18.92
N GLY C 132 -19.93 -8.13 18.57
CA GLY C 132 -19.10 -8.85 19.53
C GLY C 132 -18.04 -7.91 20.07
N SER C 133 -17.02 -8.47 20.70
CA SER C 133 -16.02 -7.65 21.39
C SER C 133 -15.15 -6.89 20.40
N TYR C 134 -14.94 -7.46 19.21
CA TYR C 134 -13.99 -6.88 18.27
C TYR C 134 -14.49 -5.59 17.64
N LEU C 135 -15.66 -5.65 16.99
CA LEU C 135 -16.20 -4.45 16.34
C LEU C 135 -16.73 -3.43 17.32
N SER C 136 -17.24 -3.87 18.46
CA SER C 136 -17.68 -2.91 19.46
C SER C 136 -16.47 -2.11 19.99
N LYS C 137 -15.34 -2.78 20.23
CA LYS C 137 -14.14 -2.06 20.68
C LYS C 137 -13.63 -1.14 19.59
N THR C 138 -13.63 -1.62 18.35
CA THR C 138 -13.19 -0.84 17.21
C THR C 138 -14.04 0.44 17.04
N ALA C 139 -15.34 0.31 17.27
CA ALA C 139 -16.26 1.43 17.08
C ALA C 139 -16.45 2.28 18.35
N GLY C 140 -16.00 1.77 19.50
CA GLY C 140 -16.12 2.49 20.74
C GLY C 140 -17.53 2.49 21.30
N ILE C 141 -18.30 1.43 21.01
CA ILE C 141 -19.64 1.28 21.53
C ILE C 141 -19.71 0.09 22.47
N ARG C 142 -20.84 -0.07 23.14
CA ARG C 142 -21.00 -1.21 24.04
C ARG C 142 -21.22 -2.49 23.26
N GLU C 143 -20.68 -3.58 23.78
CA GLU C 143 -20.88 -4.88 23.19
C GLU C 143 -22.36 -5.16 23.04
N GLY C 144 -22.75 -5.65 21.87
CA GLY C 144 -24.12 -6.01 21.61
C GLY C 144 -24.89 -4.94 20.86
N GLU C 145 -24.33 -3.73 20.82
CA GLU C 145 -24.94 -2.63 20.07
C GLU C 145 -24.81 -2.88 18.57
N ALA C 146 -25.64 -2.21 17.79
CA ALA C 146 -25.68 -2.41 16.34
C ALA C 146 -24.74 -1.46 15.59
N LEU C 147 -24.29 -1.93 14.43
CA LEU C 147 -23.53 -1.08 13.50
C LEU C 147 -24.05 -1.21 12.09
N ALA C 148 -23.91 -0.13 11.34
CA ALA C 148 -23.88 -0.18 9.89
C ALA C 148 -22.42 -0.21 9.44
N TYR C 149 -22.05 -1.27 8.74
CA TYR C 149 -20.69 -1.48 8.26
C TYR C 149 -20.71 -1.20 6.76
N LEU C 150 -20.19 -0.03 6.40
CA LEU C 150 -20.37 0.52 5.06
C LEU C 150 -19.03 0.66 4.34
N VAL C 151 -18.89 -0.01 3.20
CA VAL C 151 -17.65 0.01 2.42
C VAL C 151 -17.94 0.14 0.93
N ALA C 152 -17.18 1.03 0.27
CA ALA C 152 -17.28 1.16 -1.17
C ALA C 152 -15.98 1.78 -1.70
N PRO C 153 -15.82 1.83 -3.03
CA PRO C 153 -14.61 2.49 -3.56
C PRO C 153 -14.60 3.98 -3.17
N PRO C 154 -13.45 4.65 -3.30
CA PRO C 154 -13.26 5.94 -2.63
C PRO C 154 -14.35 7.00 -2.85
N LEU C 155 -14.66 7.36 -4.10
CA LEU C 155 -15.62 8.45 -4.31
C LEU C 155 -17.04 8.02 -3.95
N GLU C 156 -17.42 6.81 -4.36
CA GLU C 156 -18.74 6.28 -4.04
C GLU C 156 -18.91 6.29 -2.53
N ALA C 157 -17.88 5.89 -1.80
CA ALA C 157 -17.96 5.81 -0.34
C ALA C 157 -18.19 7.17 0.29
N MET C 158 -17.47 8.20 -0.16
CA MET C 158 -17.62 9.52 0.44
C MET C 158 -19.02 10.06 0.17
N TYR C 159 -19.47 9.91 -1.07
CA TYR C 159 -20.80 10.35 -1.48
C TYR C 159 -21.88 9.62 -0.71
N ALA C 160 -21.77 8.30 -0.65
CA ALA C 160 -22.79 7.48 -0.02
C ALA C 160 -22.80 7.58 1.52
N LEU C 161 -21.63 7.81 2.11
CA LEU C 161 -21.57 8.01 3.57
C LEU C 161 -22.36 9.26 3.95
N ASP C 162 -22.20 10.32 3.17
CA ASP C 162 -22.95 11.54 3.45
C ASP C 162 -24.45 11.29 3.34
N ALA C 163 -24.86 10.52 2.33
CA ALA C 163 -26.26 10.15 2.15
C ALA C 163 -26.79 9.32 3.32
N ALA C 164 -25.98 8.36 3.77
CA ALA C 164 -26.37 7.49 4.87
C ALA C 164 -26.55 8.26 6.17
N LEU C 165 -25.63 9.18 6.45
CA LEU C 165 -25.69 9.99 7.67
C LEU C 165 -26.91 10.92 7.67
N LYS C 166 -27.27 11.42 6.50
CA LYS C 166 -28.44 12.29 6.41
C LYS C 166 -29.75 11.52 6.55
N ALA C 167 -29.75 10.27 6.11
CA ALA C 167 -30.98 9.49 6.00
C ALA C 167 -31.40 8.84 7.32
N ALA C 168 -30.44 8.66 8.23
CA ALA C 168 -30.69 7.83 9.39
C ALA C 168 -30.16 8.47 10.67
N ASP C 169 -30.77 8.14 11.80
CA ASP C 169 -30.32 8.64 13.09
C ASP C 169 -29.16 7.80 13.61
N VAL C 170 -28.00 7.97 12.98
CA VAL C 170 -26.81 7.21 13.33
C VAL C 170 -25.65 8.13 13.64
N GLU C 171 -24.62 7.58 14.29
CA GLU C 171 -23.44 8.35 14.68
C GLU C 171 -22.21 7.71 14.08
N MET C 172 -21.26 8.54 13.72
CA MET C 172 -19.99 8.09 13.16
C MET C 172 -19.12 7.50 14.26
N CYS C 173 -18.58 6.32 14.01
CA CYS C 173 -17.71 5.65 14.99
C CYS C 173 -16.28 5.48 14.50
N GLU C 174 -16.10 4.92 13.31
CA GLU C 174 -14.78 4.74 12.71
C GLU C 174 -14.86 5.09 11.22
N PHE C 175 -13.96 5.95 10.77
CA PHE C 175 -13.95 6.39 9.37
C PHE C 175 -12.81 5.66 8.68
N PHE C 176 -13.09 5.01 7.55
CA PHE C 176 -12.04 4.34 6.77
C PHE C 176 -11.64 5.28 5.65
N ALA C 177 -10.59 6.07 5.87
CA ALA C 177 -10.24 7.12 4.91
C ALA C 177 -9.63 6.51 3.65
N PRO C 178 -10.08 6.96 2.47
CA PRO C 178 -9.53 6.38 1.23
C PRO C 178 -8.09 6.81 0.96
N PRO C 179 -7.20 5.87 0.62
CA PRO C 179 -7.43 4.42 0.48
C PRO C 179 -7.16 3.62 1.75
N THR C 180 -7.96 2.59 1.98
CA THR C 180 -7.54 1.49 2.84
C THR C 180 -6.52 0.70 2.01
N GLU C 181 -5.96 -0.37 2.55
CA GLU C 181 -4.94 -1.10 1.80
C GLU C 181 -5.50 -1.63 0.47
N THR C 182 -6.79 -1.94 0.45
CA THR C 182 -7.42 -2.53 -0.73
C THR C 182 -7.98 -1.44 -1.66
N ASN C 183 -7.71 -0.18 -1.34
CA ASN C 183 -8.20 0.96 -2.12
C ASN C 183 -9.73 1.13 -2.06
N PHE C 184 -10.28 0.85 -0.88
CA PHE C 184 -11.69 1.12 -0.59
C PHE C 184 -11.76 2.19 0.50
N ALA C 185 -12.98 2.44 1.01
CA ALA C 185 -13.21 3.43 2.04
C ALA C 185 -14.57 3.17 2.63
N GLY C 186 -14.94 3.92 3.67
CA GLY C 186 -16.25 3.75 4.26
C GLY C 186 -16.24 4.12 5.72
N ALA C 187 -17.11 3.49 6.50
CA ALA C 187 -17.19 3.77 7.91
C ALA C 187 -18.03 2.74 8.65
N LEU C 188 -17.88 2.76 9.97
CA LEU C 188 -18.78 2.10 10.89
C LEU C 188 -19.65 3.17 11.54
N LEU C 189 -20.97 3.03 11.39
CA LEU C 189 -21.91 3.94 12.00
C LEU C 189 -22.74 3.16 13.03
N THR C 190 -23.17 3.82 14.10
CA THR C 190 -23.99 3.16 15.11
C THR C 190 -25.32 3.89 15.36
N GLY C 191 -26.26 3.14 15.94
CA GLY C 191 -27.58 3.63 16.24
C GLY C 191 -28.49 2.44 16.53
N SER C 192 -29.79 2.67 16.56
CA SER C 192 -30.73 1.56 16.74
C SER C 192 -30.61 0.62 15.54
N GLN C 193 -31.14 -0.59 15.69
N GLN C 193 -31.14 -0.59 15.71
CA GLN C 193 -31.14 -1.55 14.58
CA GLN C 193 -31.20 -1.56 14.62
C GLN C 193 -31.82 -0.96 13.35
C GLN C 193 -31.81 -0.96 13.37
N SER C 194 -32.97 -0.33 13.54
CA SER C 194 -33.71 0.22 12.40
C SER C 194 -32.93 1.37 11.77
N ALA C 195 -32.22 2.15 12.59
CA ALA C 195 -31.44 3.26 12.06
C ALA C 195 -30.24 2.74 11.26
N CYS C 196 -29.58 1.70 11.76
CA CYS C 196 -28.45 1.13 11.05
C CYS C 196 -28.91 0.54 9.71
N LYS C 197 -30.07 -0.10 9.70
CA LYS C 197 -30.62 -0.64 8.46
C LYS C 197 -30.96 0.48 7.47
N ALA C 198 -31.51 1.58 7.96
CA ALA C 198 -31.82 2.72 7.11
C ALA C 198 -30.54 3.31 6.51
N ALA C 199 -29.48 3.31 7.30
CA ALA C 199 -28.19 3.81 6.83
C ALA C 199 -27.63 2.89 5.75
N CYS C 200 -27.73 1.59 5.98
CA CYS C 200 -27.31 0.61 4.98
C CYS C 200 -28.08 0.78 3.68
N ASP C 201 -29.39 0.90 3.78
CA ASP C 201 -30.22 1.06 2.59
C ASP C 201 -29.81 2.31 1.81
N ALA C 202 -29.65 3.43 2.50
CA ALA C 202 -29.29 4.68 1.83
C ALA C 202 -27.90 4.63 1.20
N PHE C 203 -26.97 3.99 1.90
CA PHE C 203 -25.60 3.87 1.40
C PHE C 203 -25.60 3.06 0.11
N ALA C 204 -26.30 1.94 0.12
CA ALA C 204 -26.39 1.08 -1.05
C ALA C 204 -26.98 1.83 -2.25
N GLU C 205 -28.05 2.57 -1.99
N GLU C 205 -28.05 2.57 -1.99
CA GLU C 205 -28.72 3.30 -3.05
CA GLU C 205 -28.74 3.31 -3.03
C GLU C 205 -27.80 4.36 -3.64
C GLU C 205 -27.81 4.37 -3.63
N ALA C 206 -27.10 5.08 -2.78
CA ALA C 206 -26.16 6.12 -3.22
C ALA C 206 -24.98 5.56 -4.01
N VAL C 207 -24.42 4.43 -3.58
CA VAL C 207 -23.33 3.82 -4.33
C VAL C 207 -23.84 3.40 -5.72
N GLN C 208 -25.02 2.81 -5.78
CA GLN C 208 -25.57 2.39 -7.06
CA GLN C 208 -25.60 2.41 -7.05
C GLN C 208 -25.81 3.61 -7.96
N SER C 209 -26.22 4.72 -7.36
CA SER C 209 -26.49 5.93 -8.13
CA SER C 209 -26.49 5.93 -8.14
C SER C 209 -25.23 6.46 -8.80
N VAL C 210 -24.10 6.37 -8.11
CA VAL C 210 -22.85 6.86 -8.67
C VAL C 210 -22.41 5.91 -9.78
N ALA C 211 -22.55 4.62 -9.54
CA ALA C 211 -22.14 3.63 -10.52
C ALA C 211 -22.93 3.79 -11.81
N SER C 212 -24.21 4.10 -11.68
CA SER C 212 -25.09 4.23 -12.85
C SER C 212 -24.80 5.49 -13.66
N ASN C 213 -24.24 6.52 -13.01
CA ASN C 213 -24.02 7.80 -13.67
C ASN C 213 -22.83 8.53 -13.04
N PRO C 214 -21.60 8.06 -13.30
CA PRO C 214 -20.45 8.64 -12.61
C PRO C 214 -20.02 10.00 -13.14
N LEU C 215 -20.48 10.39 -14.33
CA LEU C 215 -19.99 11.61 -14.97
C LEU C 215 -21.11 12.51 -15.51
N GLY C 216 -22.30 12.41 -14.91
CA GLY C 216 -23.41 13.27 -15.27
C GLY C 216 -23.05 14.74 -15.14
N PHE C 217 -22.06 15.04 -14.30
CA PHE C 217 -21.58 16.41 -14.11
C PHE C 217 -21.16 17.04 -15.44
N LEU C 218 -20.56 16.23 -16.31
CA LEU C 218 -19.98 16.77 -17.54
C LEU C 218 -21.04 17.48 -18.38
N GLU C 219 -22.17 16.81 -18.62
CA GLU C 219 -23.21 17.42 -19.44
C GLU C 219 -23.95 18.52 -18.71
N HIS C 220 -24.20 18.33 -17.42
CA HIS C 220 -24.98 19.29 -16.64
CA HIS C 220 -24.97 19.29 -16.64
C HIS C 220 -24.23 20.59 -16.35
N HIS C 221 -22.92 20.48 -16.14
CA HIS C 221 -22.16 21.63 -15.66
C HIS C 221 -20.86 21.97 -16.40
N HIS C 222 -20.38 21.06 -17.23
CA HIS C 222 -19.09 21.28 -17.90
C HIS C 222 -19.27 21.56 -19.40
N HIS C 223 -20.51 21.82 -19.80
CA HIS C 223 -20.81 22.18 -21.17
C HIS C 223 -20.13 23.51 -21.55
N HIS C 224 -19.83 23.65 -22.84
CA HIS C 224 -19.22 24.87 -23.39
C HIS C 224 -17.79 25.09 -22.88
N HIS C 225 -17.13 24.01 -22.46
CA HIS C 225 -15.73 24.08 -22.07
C HIS C 225 -14.81 23.47 -23.14
NA NA D . -2.23 -6.43 -11.03
NA NA E . 14.06 -21.80 20.44
NA NA F . -28.61 13.86 11.88
#